data_459D
# 
_entry.id   459D 
# 
_audit_conform.dict_name       mmcif_pdbx.dic 
_audit_conform.dict_version    5.383 
_audit_conform.dict_location   http://mmcif.pdb.org/dictionaries/ascii/mmcif_pdbx.dic 
# 
loop_
_database_2.database_id 
_database_2.database_code 
_database_2.pdbx_database_accession 
_database_2.pdbx_DOI 
PDB   459D         pdb_0000459d 10.2210/pdb459d/pdb 
NDB   DD0014       ?            ?                   
RCSB  RCSB001346   ?            ?                   
WWPDB D_1000001346 ?            ?                   
# 
loop_
_pdbx_audit_revision_history.ordinal 
_pdbx_audit_revision_history.data_content_type 
_pdbx_audit_revision_history.major_revision 
_pdbx_audit_revision_history.minor_revision 
_pdbx_audit_revision_history.revision_date 
1 'Structure model' 1 0 1999-06-28 
2 'Structure model' 1 1 2008-04-26 
3 'Structure model' 1 2 2011-07-13 
4 'Structure model' 1 3 2023-12-27 
# 
_pdbx_audit_revision_details.ordinal             1 
_pdbx_audit_revision_details.revision_ordinal    1 
_pdbx_audit_revision_details.data_content_type   'Structure model' 
_pdbx_audit_revision_details.provider            repository 
_pdbx_audit_revision_details.type                'Initial release' 
_pdbx_audit_revision_details.description         ? 
_pdbx_audit_revision_details.details             ? 
# 
loop_
_pdbx_audit_revision_group.ordinal 
_pdbx_audit_revision_group.revision_ordinal 
_pdbx_audit_revision_group.data_content_type 
_pdbx_audit_revision_group.group 
1 2 'Structure model' 'Version format compliance' 
2 3 'Structure model' 'Version format compliance' 
3 4 'Structure model' 'Data collection'           
4 4 'Structure model' 'Database references'       
5 4 'Structure model' 'Derived calculations'      
# 
loop_
_pdbx_audit_revision_category.ordinal 
_pdbx_audit_revision_category.revision_ordinal 
_pdbx_audit_revision_category.data_content_type 
_pdbx_audit_revision_category.category 
1 4 'Structure model' chem_comp_atom 
2 4 'Structure model' chem_comp_bond 
3 4 'Structure model' database_2     
4 4 'Structure model' struct_conn    
5 4 'Structure model' struct_site    
# 
loop_
_pdbx_audit_revision_item.ordinal 
_pdbx_audit_revision_item.revision_ordinal 
_pdbx_audit_revision_item.data_content_type 
_pdbx_audit_revision_item.item 
1 4 'Structure model' '_database_2.pdbx_DOI'                
2 4 'Structure model' '_database_2.pdbx_database_accession' 
3 4 'Structure model' '_struct_conn.pdbx_leaving_atom_flag' 
4 4 'Structure model' '_struct_site.pdbx_auth_asym_id'      
5 4 'Structure model' '_struct_site.pdbx_auth_comp_id'      
6 4 'Structure model' '_struct_site.pdbx_auth_seq_id'       
# 
_pdbx_database_status.status_code                     REL 
_pdbx_database_status.entry_id                        459D 
_pdbx_database_status.recvd_initial_deposition_date   1999-03-10 
_pdbx_database_status.deposit_site                    NDB 
_pdbx_database_status.process_site                    NDB 
_pdbx_database_status.status_code_sf                  REL 
_pdbx_database_status.SG_entry                        . 
_pdbx_database_status.pdb_format_compatible           Y 
_pdbx_database_status.status_code_mr                  ? 
_pdbx_database_status.status_code_cs                  ? 
_pdbx_database_status.status_code_nmr_data            ? 
_pdbx_database_status.methods_development_category    ? 
# 
loop_
_audit_author.name 
_audit_author.pdbx_ordinal 
'Aymami, J.' 1 
'Nunn, C.M.' 2 
'Neidle, S.' 3 
# 
_citation.id                        primary 
_citation.title                     
'DNA minor groove recognition of a non-self-complementary AT-rich sequence by a tris-benzimidazole ligand.' 
_citation.journal_abbrev            'Nucleic Acids Res.' 
_citation.journal_volume            27 
_citation.page_first                2691 
_citation.page_last                 2698 
_citation.year                      1999 
_citation.journal_id_ASTM           NARHAD 
_citation.country                   UK 
_citation.journal_id_ISSN           0305-1048 
_citation.journal_id_CSD            0389 
_citation.book_publisher            ? 
_citation.pdbx_database_id_PubMed   10373586 
_citation.pdbx_database_id_DOI      10.1093/nar/27.13.2691 
# 
loop_
_citation_author.citation_id 
_citation_author.name 
_citation_author.ordinal 
_citation_author.identifier_ORCID 
primary 'Aymami, J.' 1 ? 
primary 'Nunn, C.M.' 2 ? 
primary 'Neidle, S.' 3 ? 
# 
loop_
_entity.id 
_entity.type 
_entity.src_method 
_entity.pdbx_description 
_entity.formula_weight 
_entity.pdbx_number_of_molecules 
_entity.pdbx_ec 
_entity.pdbx_mutation 
_entity.pdbx_fragment 
_entity.details 
1 polymer     syn 
;DNA (5'-D(*CP*GP*(CBR)P*AP*TP*AP*TP*TP*TP*GP*CP*G)-3')
;
3732.286 1   ? ? ? 
;COMPLEXED WITH 2''-(4-METHOXYPHENYL)-5-(3-AMINO-1-PYRROLIDINYL)-2,5',2', 5''- TRI-BENZIMIDAZOLE
;
2 polymer     syn 
;DNA (5'-D(*CP*GP*CP*AP*AP*AP*TP*AP*TP*GP*CP*G)-3')
;
3671.418 1   ? ? ? 
;COMPLEXED WITH 2''-(4-METHOXYPHENYL)-5-(3-AMINO-1-PYRROLIDINYL)-2,5',2', 5''- TRI-BENZIMIDAZOLE
;
3 non-polymer syn "2''-(4-METHOXYPHENYL)-5-(3-AMINO-1-PYRROLIDINYL)-2,5',2',5''-TRI-BENZIMIDAZOLE" 541.626  1   ? ? ? ? 
4 water       nat water                                                                            18.015   112 ? ? ? ? 
# 
loop_
_entity_poly.entity_id 
_entity_poly.type 
_entity_poly.nstd_linkage 
_entity_poly.nstd_monomer 
_entity_poly.pdbx_seq_one_letter_code 
_entity_poly.pdbx_seq_one_letter_code_can 
_entity_poly.pdbx_strand_id 
_entity_poly.pdbx_target_identifier 
1 polydeoxyribonucleotide no yes '(DC)(DG)(CBR)(DA)(DT)(DA)(DT)(DT)(DT)(DG)(DC)(DG)' CGCATATTTGCG A ? 
2 polydeoxyribonucleotide no no  '(DC)(DG)(DC)(DA)(DA)(DA)(DT)(DA)(DT)(DG)(DC)(DG)'  CGCAAATATGCG B ? 
# 
loop_
_pdbx_entity_nonpoly.entity_id 
_pdbx_entity_nonpoly.name 
_pdbx_entity_nonpoly.comp_id 
3 "2''-(4-METHOXYPHENYL)-5-(3-AMINO-1-PYRROLIDINYL)-2,5',2',5''-TRI-BENZIMIDAZOLE" TBZ 
4 water                                                                            HOH 
# 
loop_
_entity_poly_seq.entity_id 
_entity_poly_seq.num 
_entity_poly_seq.mon_id 
_entity_poly_seq.hetero 
1 1  DC  n 
1 2  DG  n 
1 3  CBR n 
1 4  DA  n 
1 5  DT  n 
1 6  DA  n 
1 7  DT  n 
1 8  DT  n 
1 9  DT  n 
1 10 DG  n 
1 11 DC  n 
1 12 DG  n 
2 1  DC  n 
2 2  DG  n 
2 3  DC  n 
2 4  DA  n 
2 5  DA  n 
2 6  DA  n 
2 7  DT  n 
2 8  DA  n 
2 9  DT  n 
2 10 DG  n 
2 11 DC  n 
2 12 DG  n 
# 
loop_
_chem_comp.id 
_chem_comp.type 
_chem_comp.mon_nstd_flag 
_chem_comp.name 
_chem_comp.pdbx_synonyms 
_chem_comp.formula 
_chem_comp.formula_weight 
CBR 'DNA linking' n "5-BROMO-2'-DEOXY-CYTIDINE-5'-MONOPHOSPHATE"                                     ? 'C9 H13 Br N3 O7 P' 386.093 
DA  'DNA linking' y "2'-DEOXYADENOSINE-5'-MONOPHOSPHATE"                                             ? 'C10 H14 N5 O6 P'   331.222 
DC  'DNA linking' y "2'-DEOXYCYTIDINE-5'-MONOPHOSPHATE"                                              ? 'C9 H14 N3 O7 P'    307.197 
DG  'DNA linking' y "2'-DEOXYGUANOSINE-5'-MONOPHOSPHATE"                                             ? 'C10 H14 N5 O7 P'   347.221 
DT  'DNA linking' y "THYMIDINE-5'-MONOPHOSPHATE"                                                     ? 'C10 H15 N2 O8 P'   322.208 
HOH non-polymer   . WATER                                                                            ? 'H2 O'              18.015  
TBZ non-polymer   . "2''-(4-METHOXYPHENYL)-5-(3-AMINO-1-PYRROLIDINYL)-2,5',2',5''-TRI-BENZIMIDAZOLE" 
'TRIBIZ; TRIS(BENZIMIDAZOLE) DERIVATIVE' 'C32 H29 N8 O 1'    541.626 
# 
loop_
_pdbx_poly_seq_scheme.asym_id 
_pdbx_poly_seq_scheme.entity_id 
_pdbx_poly_seq_scheme.seq_id 
_pdbx_poly_seq_scheme.mon_id 
_pdbx_poly_seq_scheme.ndb_seq_num 
_pdbx_poly_seq_scheme.pdb_seq_num 
_pdbx_poly_seq_scheme.auth_seq_num 
_pdbx_poly_seq_scheme.pdb_mon_id 
_pdbx_poly_seq_scheme.auth_mon_id 
_pdbx_poly_seq_scheme.pdb_strand_id 
_pdbx_poly_seq_scheme.pdb_ins_code 
_pdbx_poly_seq_scheme.hetero 
A 1 1  DC  1  1  1  DC  C   A . n 
A 1 2  DG  2  2  2  DG  G   A . n 
A 1 3  CBR 3  3  3  CBR BRO A . n 
A 1 4  DA  4  4  4  DA  A   A . n 
A 1 5  DT  5  5  5  DT  T   A . n 
A 1 6  DA  6  6  6  DA  A   A . n 
A 1 7  DT  7  7  7  DT  T   A . n 
A 1 8  DT  8  8  8  DT  T   A . n 
A 1 9  DT  9  9  9  DT  T   A . n 
A 1 10 DG  10 10 10 DG  G   A . n 
A 1 11 DC  11 11 11 DC  C   A . n 
A 1 12 DG  12 12 12 DG  G   A . n 
B 2 1  DC  1  13 13 DC  C   B . n 
B 2 2  DG  2  14 14 DG  G   B . n 
B 2 3  DC  3  15 15 DC  C   B . n 
B 2 4  DA  4  16 16 DA  A   B . n 
B 2 5  DA  5  17 17 DA  A   B . n 
B 2 6  DA  6  18 18 DA  A   B . n 
B 2 7  DT  7  19 19 DT  T   B . n 
B 2 8  DA  8  20 20 DA  A   B . n 
B 2 9  DT  9  21 21 DT  T   B . n 
B 2 10 DG  10 22 22 DG  G   B . n 
B 2 11 DC  11 23 23 DC  C   B . n 
B 2 12 DG  12 24 24 DG  G   B . n 
# 
loop_
_pdbx_nonpoly_scheme.asym_id 
_pdbx_nonpoly_scheme.entity_id 
_pdbx_nonpoly_scheme.mon_id 
_pdbx_nonpoly_scheme.ndb_seq_num 
_pdbx_nonpoly_scheme.pdb_seq_num 
_pdbx_nonpoly_scheme.auth_seq_num 
_pdbx_nonpoly_scheme.pdb_mon_id 
_pdbx_nonpoly_scheme.auth_mon_id 
_pdbx_nonpoly_scheme.pdb_strand_id 
_pdbx_nonpoly_scheme.pdb_ins_code 
C 3 TBZ 1  25   25   TBZ TBZ B . 
D 4 HOH 1  1001 1001 HOH HOH A . 
D 4 HOH 2  1002 1002 HOH HOH A . 
D 4 HOH 3  1003 1003 HOH HOH A . 
D 4 HOH 4  1005 1005 HOH HOH A . 
D 4 HOH 5  1007 1007 HOH HOH A . 
D 4 HOH 6  1008 1008 HOH HOH A . 
D 4 HOH 7  1009 1009 HOH HOH A . 
D 4 HOH 8  1012 1012 HOH HOH A . 
D 4 HOH 9  1014 1014 HOH HOH A . 
D 4 HOH 10 1019 1019 HOH HOH A . 
D 4 HOH 11 1023 1023 HOH HOH A . 
D 4 HOH 12 1025 1025 HOH HOH A . 
D 4 HOH 13 1027 1027 HOH HOH A . 
D 4 HOH 14 1031 1031 HOH HOH A . 
D 4 HOH 15 1033 1033 HOH HOH A . 
D 4 HOH 16 1039 1039 HOH HOH A . 
D 4 HOH 17 1041 1041 HOH HOH A . 
D 4 HOH 18 1042 1042 HOH HOH A . 
D 4 HOH 19 1043 1043 HOH HOH A . 
D 4 HOH 20 1044 1044 HOH HOH A . 
D 4 HOH 21 1045 1045 HOH HOH A . 
D 4 HOH 22 1046 1046 HOH HOH A . 
D 4 HOH 23 1047 1047 HOH HOH A . 
D 4 HOH 24 1049 1049 HOH HOH A . 
D 4 HOH 25 1051 1051 HOH HOH A . 
D 4 HOH 26 1055 1055 HOH HOH A . 
D 4 HOH 27 1060 1060 HOH HOH A . 
D 4 HOH 28 1063 1063 HOH HOH A . 
D 4 HOH 29 1065 1065 HOH HOH A . 
D 4 HOH 30 1066 1066 HOH HOH A . 
D 4 HOH 31 1068 1068 HOH HOH A . 
D 4 HOH 32 1076 1076 HOH HOH A . 
D 4 HOH 33 1082 1082 HOH HOH A . 
D 4 HOH 34 1084 1084 HOH HOH A . 
D 4 HOH 35 1086 1086 HOH HOH A . 
D 4 HOH 36 1088 1088 HOH HOH A . 
D 4 HOH 37 1091 1091 HOH HOH A . 
D 4 HOH 38 1092 1092 HOH HOH A . 
D 4 HOH 39 1094 1094 HOH HOH A . 
D 4 HOH 40 1097 1097 HOH HOH A . 
D 4 HOH 41 1101 1101 HOH HOH A . 
D 4 HOH 42 1112 1112 HOH HOH A . 
E 4 HOH 1  1004 1004 HOH HOH B . 
E 4 HOH 2  1006 1006 HOH HOH B . 
E 4 HOH 3  1010 1010 HOH HOH B . 
E 4 HOH 4  1011 1011 HOH HOH B . 
E 4 HOH 5  1013 1013 HOH HOH B . 
E 4 HOH 6  1015 1015 HOH HOH B . 
E 4 HOH 7  1016 1016 HOH HOH B . 
E 4 HOH 8  1017 1017 HOH HOH B . 
E 4 HOH 9  1018 1018 HOH HOH B . 
E 4 HOH 10 1020 1020 HOH HOH B . 
E 4 HOH 11 1021 1021 HOH HOH B . 
E 4 HOH 12 1022 1022 HOH HOH B . 
E 4 HOH 13 1024 1024 HOH HOH B . 
E 4 HOH 14 1026 1026 HOH HOH B . 
E 4 HOH 15 1028 1028 HOH HOH B . 
E 4 HOH 16 1029 1029 HOH HOH B . 
E 4 HOH 17 1030 1030 HOH HOH B . 
E 4 HOH 18 1032 1032 HOH HOH B . 
E 4 HOH 19 1034 1034 HOH HOH B . 
E 4 HOH 20 1035 1035 HOH HOH B . 
E 4 HOH 21 1036 1036 HOH HOH B . 
E 4 HOH 22 1037 1037 HOH HOH B . 
E 4 HOH 23 1038 1038 HOH HOH B . 
E 4 HOH 24 1040 1040 HOH HOH B . 
E 4 HOH 25 1048 1048 HOH HOH B . 
E 4 HOH 26 1050 1050 HOH HOH B . 
E 4 HOH 27 1052 1052 HOH HOH B . 
E 4 HOH 28 1053 1053 HOH HOH B . 
E 4 HOH 29 1054 1054 HOH HOH B . 
E 4 HOH 30 1056 1056 HOH HOH B . 
E 4 HOH 31 1057 1057 HOH HOH B . 
E 4 HOH 32 1058 1058 HOH HOH B . 
E 4 HOH 33 1059 1059 HOH HOH B . 
E 4 HOH 34 1061 1061 HOH HOH B . 
E 4 HOH 35 1062 1062 HOH HOH B . 
E 4 HOH 36 1064 1064 HOH HOH B . 
E 4 HOH 37 1067 1067 HOH HOH B . 
E 4 HOH 38 1069 1069 HOH HOH B . 
E 4 HOH 39 1070 1070 HOH HOH B . 
E 4 HOH 40 1071 1071 HOH HOH B . 
E 4 HOH 41 1072 1072 HOH HOH B . 
E 4 HOH 42 1073 1073 HOH HOH B . 
E 4 HOH 43 1074 1074 HOH HOH B . 
E 4 HOH 44 1075 1075 HOH HOH B . 
E 4 HOH 45 1077 1077 HOH HOH B . 
E 4 HOH 46 1078 1078 HOH HOH B . 
E 4 HOH 47 1079 1079 HOH HOH B . 
E 4 HOH 48 1080 1080 HOH HOH B . 
E 4 HOH 49 1081 1081 HOH HOH B . 
E 4 HOH 50 1083 1083 HOH HOH B . 
E 4 HOH 51 1085 1085 HOH HOH B . 
E 4 HOH 52 1087 1087 HOH HOH B . 
E 4 HOH 53 1089 1089 HOH HOH B . 
E 4 HOH 54 1090 1090 HOH HOH B . 
E 4 HOH 55 1093 1093 HOH HOH B . 
E 4 HOH 56 1095 1095 HOH HOH B . 
E 4 HOH 57 1096 1096 HOH HOH B . 
E 4 HOH 58 1098 1098 HOH HOH B . 
E 4 HOH 59 1099 1099 HOH HOH B . 
E 4 HOH 60 1100 1100 HOH HOH B . 
E 4 HOH 61 1102 1102 HOH HOH B . 
E 4 HOH 62 1103 1103 HOH HOH B . 
E 4 HOH 63 1104 1104 HOH HOH B . 
E 4 HOH 64 1105 1105 HOH HOH B . 
E 4 HOH 65 1106 1106 HOH HOH B . 
E 4 HOH 66 1107 1107 HOH HOH B . 
E 4 HOH 67 1108 1108 HOH HOH B . 
E 4 HOH 68 1109 1109 HOH HOH B . 
E 4 HOH 69 1110 1110 HOH HOH B . 
E 4 HOH 70 1111 1111 HOH HOH B . 
# 
loop_
_software.name 
_software.classification 
_software.version 
_software.citation_id 
_software.pdbx_ordinal 
SHELXL-97 refinement       . ? 1 
DENZO     'data reduction' . ? 2 
SCALEPACK 'data scaling'   . ? 3 
# 
_cell.entry_id           459D 
_cell.length_a           25.500 
_cell.length_b           40.420 
_cell.length_c           65.550 
_cell.angle_alpha        90.00 
_cell.angle_beta         90.00 
_cell.angle_gamma        90.00 
_cell.Z_PDB              4 
_cell.pdbx_unique_axis   ? 
# 
_symmetry.entry_id                         459D 
_symmetry.space_group_name_H-M             'P 21 21 21' 
_symmetry.pdbx_full_space_group_name_H-M   ? 
_symmetry.cell_setting                     orthorhombic 
_symmetry.Int_Tables_number                19 
# 
_exptl.entry_id          459D 
_exptl.method            'X-RAY DIFFRACTION' 
_exptl.crystals_number   1 
# 
_exptl_crystal.id                    1 
_exptl_crystal.density_meas          ? 
_exptl_crystal.density_percent_sol   44.56 
_exptl_crystal.density_Matthews      2.22 
_exptl_crystal.description           ? 
# 
_exptl_crystal_grow.crystal_id      1 
_exptl_crystal_grow.method          ? 
_exptl_crystal_grow.temp            ? 
_exptl_crystal_grow.temp_details    ? 
_exptl_crystal_grow.pH              6.5 
_exptl_crystal_grow.pdbx_details    'pH 6.5' 
_exptl_crystal_grow.pdbx_pH_range   ? 
# 
_diffrn.id                     1 
_diffrn.ambient_temp           288.0 
_diffrn.ambient_temp_details   ? 
_diffrn.crystal_id             1 
# 
_diffrn_detector.diffrn_id              1 
_diffrn_detector.detector               'IMAGE PLATE' 
_diffrn_detector.type                   'RIGAKU RAXIS IV' 
_diffrn_detector.pdbx_collection_date   ? 
_diffrn_detector.details                ? 
# 
_diffrn_radiation.diffrn_id                        1 
_diffrn_radiation.wavelength_id                    1 
_diffrn_radiation.pdbx_monochromatic_or_laue_m_l   M 
_diffrn_radiation.monochromator                    GRAPHITE 
_diffrn_radiation.pdbx_diffrn_protocol             'SINGLE WAVELENGTH' 
_diffrn_radiation.pdbx_scattering_type             x-ray 
# 
_diffrn_radiation_wavelength.id           1 
_diffrn_radiation_wavelength.wavelength   1.5418 
_diffrn_radiation_wavelength.wt           1.0 
# 
_diffrn_source.diffrn_id                   1 
_diffrn_source.source                      'ROTATING ANODE' 
_diffrn_source.type                        RIGAKU 
_diffrn_source.pdbx_synchrotron_site       ? 
_diffrn_source.pdbx_synchrotron_beamline   ? 
_diffrn_source.pdbx_wavelength             1.5418 
_diffrn_source.pdbx_wavelength_list        ? 
# 
_reflns.entry_id                     459D 
_reflns.observed_criterion_sigma_I   0.0 
_reflns.observed_criterion_sigma_F   ? 
_reflns.d_resolution_low             ? 
_reflns.d_resolution_high            2.2 
_reflns.number_obs                   3281 
_reflns.number_all                   ? 
_reflns.percent_possible_obs         87.7 
_reflns.pdbx_Rmerge_I_obs            0.05 
_reflns.pdbx_Rsym_value              ? 
_reflns.pdbx_netI_over_sigmaI        ? 
_reflns.B_iso_Wilson_estimate        ? 
_reflns.pdbx_redundancy              ? 
_reflns.R_free_details               ? 
_reflns.pdbx_diffrn_id               1 
_reflns.pdbx_ordinal                 1 
# 
_refine.entry_id                                 459D 
_refine.ls_number_reflns_obs                     ? 
_refine.ls_number_reflns_all                     2695 
_refine.pdbx_ls_sigma_I                          ? 
_refine.pdbx_ls_sigma_F                          0. 
_refine.pdbx_data_cutoff_high_absF               ? 
_refine.pdbx_data_cutoff_low_absF                ? 
_refine.pdbx_data_cutoff_high_rms_absF           ? 
_refine.ls_d_res_low                             8.0 
_refine.ls_d_res_high                            2.3 
_refine.ls_percent_reflns_obs                    ? 
_refine.ls_R_factor_obs                          0.209 
_refine.ls_R_factor_all                          ? 
_refine.ls_R_factor_R_work                       ? 
_refine.ls_R_factor_R_free                       0.283 
_refine.ls_R_factor_R_free_error                 ? 
_refine.ls_R_factor_R_free_error_details         ? 
_refine.ls_percent_reflns_R_free                 10.0 
_refine.ls_number_reflns_R_free                  223 
_refine.ls_number_parameters                     ? 
_refine.ls_number_restraints                     ? 
_refine.occupancy_min                            ? 
_refine.occupancy_max                            ? 
_refine.B_iso_mean                               ? 
_refine.aniso_B[1][1]                            ? 
_refine.aniso_B[2][2]                            ? 
_refine.aniso_B[3][3]                            ? 
_refine.aniso_B[1][2]                            ? 
_refine.aniso_B[1][3]                            ? 
_refine.aniso_B[2][3]                            ? 
_refine.solvent_model_details                    ? 
_refine.solvent_model_param_ksol                 ? 
_refine.solvent_model_param_bsol                 ? 
_refine.pdbx_ls_cross_valid_method               THROUGHOUT 
_refine.details                                  ? 
_refine.pdbx_starting_model                      ? 
_refine.pdbx_method_to_determine_struct          ? 
_refine.pdbx_isotropic_thermal_model             ? 
_refine.pdbx_stereochemistry_target_values       ? 
_refine.pdbx_stereochem_target_val_spec_case     ? 
_refine.pdbx_R_Free_selection_details            RANDOM 
_refine.pdbx_overall_ESU_R                       ? 
_refine.pdbx_overall_ESU_R_Free                  ? 
_refine.overall_SU_ML                            ? 
_refine.overall_SU_B                             ? 
_refine.ls_redundancy_reflns_obs                 ? 
_refine.correlation_coeff_Fo_to_Fc               ? 
_refine.correlation_coeff_Fo_to_Fc_free          ? 
_refine.overall_SU_R_Cruickshank_DPI             ? 
_refine.overall_SU_R_free                        ? 
_refine.pdbx_refine_id                           'X-RAY DIFFRACTION' 
_refine.pdbx_diffrn_id                           1 
_refine.pdbx_TLS_residual_ADP_flag               ? 
_refine.pdbx_solvent_vdw_probe_radii             ? 
_refine.pdbx_solvent_ion_probe_radii             ? 
_refine.pdbx_solvent_shrinkage_radii             ? 
_refine.pdbx_overall_phase_error                 ? 
_refine.pdbx_overall_SU_R_free_Cruickshank_DPI   ? 
_refine.pdbx_overall_SU_R_Blow_DPI               ? 
_refine.pdbx_overall_SU_R_free_Blow_DPI          ? 
# 
_refine_hist.pdbx_refine_id                   'X-RAY DIFFRACTION' 
_refine_hist.cycle_id                         LAST 
_refine_hist.pdbx_number_atoms_protein        0 
_refine_hist.pdbx_number_atoms_nucleic_acid   486 
_refine_hist.pdbx_number_atoms_ligand         42 
_refine_hist.number_atoms_solvent             112 
_refine_hist.number_atoms_total               640 
_refine_hist.d_res_high                       2.3 
_refine_hist.d_res_low                        8.0 
# 
loop_
_refine_ls_restr.type 
_refine_ls_restr.dev_ideal 
_refine_ls_restr.dev_ideal_target 
_refine_ls_restr.weight 
_refine_ls_restr.number 
_refine_ls_restr.pdbx_refine_id 
_refine_ls_restr.pdbx_restraint_function 
s_bond_d               0.042 ? ? ? 'X-RAY DIFFRACTION' ? 
s_angle_d              0.018 ? ? ? 'X-RAY DIFFRACTION' ? 
s_similar_dist         ?     ? ? ? 'X-RAY DIFFRACTION' ? 
s_from_restr_planes    ?     ? ? ? 'X-RAY DIFFRACTION' ? 
s_zero_chiral_vol      ?     ? ? ? 'X-RAY DIFFRACTION' ? 
s_non_zero_chiral_vol  ?     ? ? ? 'X-RAY DIFFRACTION' ? 
s_anti_bump_dis_restr  ?     ? ? ? 'X-RAY DIFFRACTION' ? 
s_rigid_bond_adp_cmpnt ?     ? ? ? 'X-RAY DIFFRACTION' ? 
s_similar_adp_cmpnt    ?     ? ? ? 'X-RAY DIFFRACTION' ? 
s_approx_iso_adps      ?     ? ? ? 'X-RAY DIFFRACTION' ? 
# 
_pdbx_refine.entry_id                                    459D 
_pdbx_refine.R_factor_all_no_cutoff                      ? 
_pdbx_refine.R_factor_obs_no_cutoff                      0.209 
_pdbx_refine.free_R_factor_no_cutoff                     0.283 
_pdbx_refine.free_R_val_test_set_size_perc_no_cutoff     10.0 
_pdbx_refine.free_R_val_test_set_ct_no_cutoff            ? 
_pdbx_refine.R_factor_all_4sig_cutoff                    ? 
_pdbx_refine.R_factor_obs_4sig_cutoff                    0.208 
_pdbx_refine.free_R_factor_4sig_cutoff                   ? 
_pdbx_refine.free_R_val_test_set_size_perc_4sig_cutoff   10.0 
_pdbx_refine.free_R_val_test_set_ct_4sig_cutoff          223 
_pdbx_refine.number_reflns_obs_4sig_cutoff               ? 
_pdbx_refine.number_reflns_obs_no_cutoff                 ? 
_pdbx_refine.pdbx_refine_id                              'X-RAY DIFFRACTION' 
_pdbx_refine.free_R_error_no_cutoff                      ? 
# 
_struct.entry_id                  459D 
_struct.title                     'DNA MINOR-GROOVE RECOGNITION OF A TRIS-BENZIMIDAZOLE DRUG' 
_struct.pdbx_model_details        ? 
_struct.pdbx_CASP_flag            ? 
_struct.pdbx_model_type_details   ? 
# 
_struct_keywords.entry_id        459D 
_struct_keywords.pdbx_keywords   DNA 
_struct_keywords.text            'MINOR GROOVE BINDING, B-DNA, COMPLEXED WITH TRIS-BENZIMIDAZOLE, DEOXYRIBONUCLEIC ACID, DNA' 
# 
loop_
_struct_asym.id 
_struct_asym.pdbx_blank_PDB_chainid_flag 
_struct_asym.pdbx_modified 
_struct_asym.entity_id 
_struct_asym.details 
A N N 1 ? 
B N N 2 ? 
C N N 3 ? 
D N N 4 ? 
E N N 4 ? 
# 
loop_
_struct_ref.id 
_struct_ref.entity_id 
_struct_ref.db_name 
_struct_ref.db_code 
_struct_ref.pdbx_db_accession 
_struct_ref.pdbx_db_isoform 
_struct_ref.pdbx_seq_one_letter_code 
_struct_ref.pdbx_align_begin 
1 1 PDB 459D 459D ? ? ? 
2 2 PDB 459D 459D ? ? ? 
# 
loop_
_struct_ref_seq.align_id 
_struct_ref_seq.ref_id 
_struct_ref_seq.pdbx_PDB_id_code 
_struct_ref_seq.pdbx_strand_id 
_struct_ref_seq.seq_align_beg 
_struct_ref_seq.pdbx_seq_align_beg_ins_code 
_struct_ref_seq.seq_align_end 
_struct_ref_seq.pdbx_seq_align_end_ins_code 
_struct_ref_seq.pdbx_db_accession 
_struct_ref_seq.db_align_beg 
_struct_ref_seq.pdbx_db_align_beg_ins_code 
_struct_ref_seq.db_align_end 
_struct_ref_seq.pdbx_db_align_end_ins_code 
_struct_ref_seq.pdbx_auth_seq_align_beg 
_struct_ref_seq.pdbx_auth_seq_align_end 
1 1 459D A 1 ? 12 ? 459D 1  ? 12 ? 1  12 
2 2 459D B 1 ? 12 ? 459D 13 ? 24 ? 13 24 
# 
_pdbx_struct_assembly.id                   1 
_pdbx_struct_assembly.details              author_defined_assembly 
_pdbx_struct_assembly.method_details       ? 
_pdbx_struct_assembly.oligomeric_details   dimeric 
_pdbx_struct_assembly.oligomeric_count     2 
# 
_pdbx_struct_assembly_gen.assembly_id       1 
_pdbx_struct_assembly_gen.oper_expression   1 
_pdbx_struct_assembly_gen.asym_id_list      A,B,C,D,E 
# 
_pdbx_struct_oper_list.id                   1 
_pdbx_struct_oper_list.type                 'identity operation' 
_pdbx_struct_oper_list.name                 1_555 
_pdbx_struct_oper_list.symmetry_operation   x,y,z 
_pdbx_struct_oper_list.matrix[1][1]         1.0000000000 
_pdbx_struct_oper_list.matrix[1][2]         0.0000000000 
_pdbx_struct_oper_list.matrix[1][3]         0.0000000000 
_pdbx_struct_oper_list.vector[1]            0.0000000000 
_pdbx_struct_oper_list.matrix[2][1]         0.0000000000 
_pdbx_struct_oper_list.matrix[2][2]         1.0000000000 
_pdbx_struct_oper_list.matrix[2][3]         0.0000000000 
_pdbx_struct_oper_list.vector[2]            0.0000000000 
_pdbx_struct_oper_list.matrix[3][1]         0.0000000000 
_pdbx_struct_oper_list.matrix[3][2]         0.0000000000 
_pdbx_struct_oper_list.matrix[3][3]         1.0000000000 
_pdbx_struct_oper_list.vector[3]            0.0000000000 
# 
_struct_biol.id                    1 
_struct_biol.pdbx_parent_biol_id   ? 
_struct_biol.details               ? 
# 
loop_
_struct_conn.id 
_struct_conn.conn_type_id 
_struct_conn.pdbx_leaving_atom_flag 
_struct_conn.pdbx_PDB_id 
_struct_conn.ptnr1_label_asym_id 
_struct_conn.ptnr1_label_comp_id 
_struct_conn.ptnr1_label_seq_id 
_struct_conn.ptnr1_label_atom_id 
_struct_conn.pdbx_ptnr1_label_alt_id 
_struct_conn.pdbx_ptnr1_PDB_ins_code 
_struct_conn.pdbx_ptnr1_standard_comp_id 
_struct_conn.ptnr1_symmetry 
_struct_conn.ptnr2_label_asym_id 
_struct_conn.ptnr2_label_comp_id 
_struct_conn.ptnr2_label_seq_id 
_struct_conn.ptnr2_label_atom_id 
_struct_conn.pdbx_ptnr2_label_alt_id 
_struct_conn.pdbx_ptnr2_PDB_ins_code 
_struct_conn.ptnr1_auth_asym_id 
_struct_conn.ptnr1_auth_comp_id 
_struct_conn.ptnr1_auth_seq_id 
_struct_conn.ptnr2_auth_asym_id 
_struct_conn.ptnr2_auth_comp_id 
_struct_conn.ptnr2_auth_seq_id 
_struct_conn.ptnr2_symmetry 
_struct_conn.pdbx_ptnr3_label_atom_id 
_struct_conn.pdbx_ptnr3_label_seq_id 
_struct_conn.pdbx_ptnr3_label_comp_id 
_struct_conn.pdbx_ptnr3_label_asym_id 
_struct_conn.pdbx_ptnr3_label_alt_id 
_struct_conn.pdbx_ptnr3_PDB_ins_code 
_struct_conn.details 
_struct_conn.pdbx_dist_value 
_struct_conn.pdbx_value_order 
_struct_conn.pdbx_role 
covale1  covale both ? A DG  2  "O3'" ? ? ? 1_555 A CBR 3  P  ? ? A DG  2  A CBR 3  1_555 ? ? ? ? ? ? ?            1.602 ? ? 
covale2  covale both ? A CBR 3  "O3'" ? ? ? 1_555 A DA  4  P  ? ? A CBR 3  A DA  4  1_555 ? ? ? ? ? ? ?            1.610 ? ? 
hydrog1  hydrog ?    ? A DC  1  N3    ? ? ? 1_555 B DG  12 N1 ? ? A DC  1  B DG  24 1_555 ? ? ? ? ? ? WATSON-CRICK ?     ? ? 
hydrog2  hydrog ?    ? A DC  1  N4    ? ? ? 1_555 B DG  12 O6 ? ? A DC  1  B DG  24 1_555 ? ? ? ? ? ? WATSON-CRICK ?     ? ? 
hydrog3  hydrog ?    ? A DC  1  O2    ? ? ? 1_555 B DG  12 N2 ? ? A DC  1  B DG  24 1_555 ? ? ? ? ? ? WATSON-CRICK ?     ? ? 
hydrog4  hydrog ?    ? A DG  2  N1    ? ? ? 1_555 B DC  11 N3 ? ? A DG  2  B DC  23 1_555 ? ? ? ? ? ? WATSON-CRICK ?     ? ? 
hydrog5  hydrog ?    ? A DG  2  N2    ? ? ? 1_555 B DC  11 O2 ? ? A DG  2  B DC  23 1_555 ? ? ? ? ? ? WATSON-CRICK ?     ? ? 
hydrog6  hydrog ?    ? A DG  2  O6    ? ? ? 1_555 B DC  11 N4 ? ? A DG  2  B DC  23 1_555 ? ? ? ? ? ? WATSON-CRICK ?     ? ? 
hydrog7  hydrog ?    ? A CBR 3  N3    ? ? ? 1_555 B DG  10 N1 ? ? A CBR 3  B DG  22 1_555 ? ? ? ? ? ? WATSON-CRICK ?     ? ? 
hydrog8  hydrog ?    ? A CBR 3  N4    ? ? ? 1_555 B DG  10 O6 ? ? A CBR 3  B DG  22 1_555 ? ? ? ? ? ? WATSON-CRICK ?     ? ? 
hydrog9  hydrog ?    ? A CBR 3  O2    ? ? ? 1_555 B DG  10 N2 ? ? A CBR 3  B DG  22 1_555 ? ? ? ? ? ? WATSON-CRICK ?     ? ? 
hydrog10 hydrog ?    ? A DA  4  N1    ? ? ? 1_555 B DT  9  N3 ? ? A DA  4  B DT  21 1_555 ? ? ? ? ? ? WATSON-CRICK ?     ? ? 
hydrog11 hydrog ?    ? A DA  4  N6    ? ? ? 1_555 B DT  9  O4 ? ? A DA  4  B DT  21 1_555 ? ? ? ? ? ? WATSON-CRICK ?     ? ? 
hydrog12 hydrog ?    ? A DT  5  N3    ? ? ? 1_555 B DA  8  N1 ? ? A DT  5  B DA  20 1_555 ? ? ? ? ? ? WATSON-CRICK ?     ? ? 
hydrog13 hydrog ?    ? A DT  5  O4    ? ? ? 1_555 B DA  8  N6 ? ? A DT  5  B DA  20 1_555 ? ? ? ? ? ? WATSON-CRICK ?     ? ? 
hydrog14 hydrog ?    ? A DA  6  N1    ? ? ? 1_555 B DT  7  N3 ? ? A DA  6  B DT  19 1_555 ? ? ? ? ? ? WATSON-CRICK ?     ? ? 
hydrog15 hydrog ?    ? A DA  6  N6    ? ? ? 1_555 B DT  7  O4 ? ? A DA  6  B DT  19 1_555 ? ? ? ? ? ? WATSON-CRICK ?     ? ? 
hydrog16 hydrog ?    ? A DT  7  N3    ? ? ? 1_555 B DA  6  N1 ? ? A DT  7  B DA  18 1_555 ? ? ? ? ? ? WATSON-CRICK ?     ? ? 
hydrog17 hydrog ?    ? A DT  7  O4    ? ? ? 1_555 B DA  6  N6 ? ? A DT  7  B DA  18 1_555 ? ? ? ? ? ? WATSON-CRICK ?     ? ? 
hydrog18 hydrog ?    ? A DT  8  N3    ? ? ? 1_555 B DA  5  N1 ? ? A DT  8  B DA  17 1_555 ? ? ? ? ? ? WATSON-CRICK ?     ? ? 
hydrog19 hydrog ?    ? A DT  8  O4    ? ? ? 1_555 B DA  5  N6 ? ? A DT  8  B DA  17 1_555 ? ? ? ? ? ? WATSON-CRICK ?     ? ? 
hydrog20 hydrog ?    ? A DT  9  N3    ? ? ? 1_555 B DA  4  N1 ? ? A DT  9  B DA  16 1_555 ? ? ? ? ? ? WATSON-CRICK ?     ? ? 
hydrog21 hydrog ?    ? A DT  9  O4    ? ? ? 1_555 B DA  4  N6 ? ? A DT  9  B DA  16 1_555 ? ? ? ? ? ? WATSON-CRICK ?     ? ? 
hydrog22 hydrog ?    ? A DG  10 N1    ? ? ? 1_555 B DC  3  N3 ? ? A DG  10 B DC  15 1_555 ? ? ? ? ? ? WATSON-CRICK ?     ? ? 
hydrog23 hydrog ?    ? A DG  10 N2    ? ? ? 1_555 B DC  3  O2 ? ? A DG  10 B DC  15 1_555 ? ? ? ? ? ? WATSON-CRICK ?     ? ? 
hydrog24 hydrog ?    ? A DG  10 O6    ? ? ? 1_555 B DC  3  N4 ? ? A DG  10 B DC  15 1_555 ? ? ? ? ? ? WATSON-CRICK ?     ? ? 
hydrog25 hydrog ?    ? A DC  11 N3    ? ? ? 1_555 B DG  2  N1 ? ? A DC  11 B DG  14 1_555 ? ? ? ? ? ? WATSON-CRICK ?     ? ? 
hydrog26 hydrog ?    ? A DC  11 N4    ? ? ? 1_555 B DG  2  O6 ? ? A DC  11 B DG  14 1_555 ? ? ? ? ? ? WATSON-CRICK ?     ? ? 
hydrog27 hydrog ?    ? A DC  11 O2    ? ? ? 1_555 B DG  2  N2 ? ? A DC  11 B DG  14 1_555 ? ? ? ? ? ? WATSON-CRICK ?     ? ? 
hydrog28 hydrog ?    ? A DG  12 N1    ? ? ? 1_555 B DC  1  N3 ? ? A DG  12 B DC  13 1_555 ? ? ? ? ? ? WATSON-CRICK ?     ? ? 
hydrog29 hydrog ?    ? A DG  12 N2    ? ? ? 1_555 B DC  1  O2 ? ? A DG  12 B DC  13 1_555 ? ? ? ? ? ? WATSON-CRICK ?     ? ? 
hydrog30 hydrog ?    ? A DG  12 O6    ? ? ? 1_555 B DC  1  N4 ? ? A DG  12 B DC  13 1_555 ? ? ? ? ? ? WATSON-CRICK ?     ? ? 
# 
loop_
_struct_conn_type.id 
_struct_conn_type.criteria 
_struct_conn_type.reference 
covale ? ? 
hydrog ? ? 
# 
loop_
_struct_site.id 
_struct_site.pdbx_evidence_code 
_struct_site.pdbx_auth_asym_id 
_struct_site.pdbx_auth_comp_id 
_struct_site.pdbx_auth_seq_id 
_struct_site.pdbx_auth_ins_code 
_struct_site.pdbx_num_residues 
_struct_site.details 
AC1 Software B TBZ 25 ? 13 'BINDING SITE FOR RESIDUE TBZ B 25' 
1   ?        ? ?   ?  ? ?  ?                                   
# 
loop_
_struct_site_gen.id 
_struct_site_gen.site_id 
_struct_site_gen.pdbx_num_res 
_struct_site_gen.label_comp_id 
_struct_site_gen.label_asym_id 
_struct_site_gen.label_seq_id 
_struct_site_gen.pdbx_auth_ins_code 
_struct_site_gen.auth_comp_id 
_struct_site_gen.auth_asym_id 
_struct_site_gen.auth_seq_id 
_struct_site_gen.label_atom_id 
_struct_site_gen.label_alt_id 
_struct_site_gen.symmetry 
_struct_site_gen.details 
1  AC1 13 DA A 4  ? DA A 4  . ? 1_555 ? 
2  AC1 13 DT A 5  ? DT A 5  . ? 1_555 ? 
3  AC1 13 DA A 6  ? DA A 6  . ? 1_555 ? 
4  AC1 13 DT A 7  ? DT A 7  . ? 1_555 ? 
5  AC1 13 DT A 8  ? DT A 8  . ? 1_555 ? 
6  AC1 13 DT A 9  ? DT A 9  . ? 1_555 ? 
7  AC1 13 DG A 10 ? DG A 10 . ? 1_555 ? 
8  AC1 13 DA B 5  ? DA B 17 . ? 1_555 ? 
9  AC1 13 DA B 6  ? DA B 18 . ? 1_555 ? 
10 AC1 13 DT B 7  ? DT B 19 . ? 1_555 ? 
11 AC1 13 DA B 8  ? DA B 20 . ? 1_555 ? 
12 AC1 13 DT B 9  ? DT B 21 . ? 1_555 ? 
13 AC1 13 DG B 12 ? DG B 24 . ? 2_555 ? 
# 
loop_
_pdbx_validate_rmsd_angle.id 
_pdbx_validate_rmsd_angle.PDB_model_num 
_pdbx_validate_rmsd_angle.auth_atom_id_1 
_pdbx_validate_rmsd_angle.auth_asym_id_1 
_pdbx_validate_rmsd_angle.auth_comp_id_1 
_pdbx_validate_rmsd_angle.auth_seq_id_1 
_pdbx_validate_rmsd_angle.PDB_ins_code_1 
_pdbx_validate_rmsd_angle.label_alt_id_1 
_pdbx_validate_rmsd_angle.auth_atom_id_2 
_pdbx_validate_rmsd_angle.auth_asym_id_2 
_pdbx_validate_rmsd_angle.auth_comp_id_2 
_pdbx_validate_rmsd_angle.auth_seq_id_2 
_pdbx_validate_rmsd_angle.PDB_ins_code_2 
_pdbx_validate_rmsd_angle.label_alt_id_2 
_pdbx_validate_rmsd_angle.auth_atom_id_3 
_pdbx_validate_rmsd_angle.auth_asym_id_3 
_pdbx_validate_rmsd_angle.auth_comp_id_3 
_pdbx_validate_rmsd_angle.auth_seq_id_3 
_pdbx_validate_rmsd_angle.PDB_ins_code_3 
_pdbx_validate_rmsd_angle.label_alt_id_3 
_pdbx_validate_rmsd_angle.angle_value 
_pdbx_validate_rmsd_angle.angle_target_value 
_pdbx_validate_rmsd_angle.angle_deviation 
_pdbx_validate_rmsd_angle.angle_standard_deviation 
_pdbx_validate_rmsd_angle.linker_flag 
1  1 "O4'" A DG 2  ? ? "C1'" A DG 2  ? ? N9    A DG 2  ? ? 111.37 108.30 3.07  0.30 N 
2  1 "O4'" A DG 10 ? ? "C1'" A DG 10 ? ? N9    A DG 10 ? ? 112.07 108.30 3.77  0.30 N 
3  1 N3    A DG 10 ? ? C4    A DG 10 ? ? N9    A DG 10 ? ? 122.38 126.00 -3.62 0.60 N 
4  1 "O4'" A DC 11 ? ? "C1'" A DC 11 ? ? N1    A DC 11 ? ? 110.40 108.30 2.10  0.30 N 
5  1 "O4'" A DG 12 ? ? "C1'" A DG 12 ? ? N9    A DG 12 ? ? 111.49 108.30 3.19  0.30 N 
6  1 "O4'" B DC 13 ? ? "C1'" B DC 13 ? ? N1    B DC 13 ? ? 111.19 108.30 2.89  0.30 N 
7  1 "O4'" B DG 14 ? ? "C1'" B DG 14 ? ? N9    B DG 14 ? ? 111.31 108.30 3.01  0.30 N 
8  1 "O4'" B DC 15 ? ? "C1'" B DC 15 ? ? N1    B DC 15 ? ? 110.57 108.30 2.27  0.30 N 
9  1 "O4'" B DA 16 ? ? "C1'" B DA 16 ? ? N9    B DA 16 ? ? 110.31 108.30 2.01  0.30 N 
10 1 "O4'" B DA 17 ? ? "C1'" B DA 17 ? ? N9    B DA 17 ? ? 110.18 108.30 1.88  0.30 N 
11 1 "O4'" B DA 18 ? ? "C1'" B DA 18 ? ? N9    B DA 18 ? ? 110.77 108.30 2.47  0.30 N 
12 1 "C3'" B DG 22 ? ? "C2'" B DG 22 ? ? "C1'" B DG 22 ? ? 97.37  102.40 -5.03 0.80 N 
13 1 "O4'" B DG 22 ? ? "C1'" B DG 22 ? ? N9    B DG 22 ? ? 112.16 108.30 3.86  0.30 N 
14 1 "O4'" B DC 23 ? ? "C1'" B DC 23 ? ? N1    B DC 23 ? ? 111.59 108.30 3.29  0.30 N 
15 1 "O4'" B DG 24 ? ? "C1'" B DG 24 ? ? N9    B DG 24 ? ? 111.64 108.30 3.34  0.30 N 
# 
_pdbx_struct_mod_residue.id               1 
_pdbx_struct_mod_residue.label_asym_id    A 
_pdbx_struct_mod_residue.label_comp_id    CBR 
_pdbx_struct_mod_residue.label_seq_id     3 
_pdbx_struct_mod_residue.auth_asym_id     A 
_pdbx_struct_mod_residue.auth_comp_id     CBR 
_pdbx_struct_mod_residue.auth_seq_id      3 
_pdbx_struct_mod_residue.PDB_ins_code     ? 
_pdbx_struct_mod_residue.parent_comp_id   DC 
_pdbx_struct_mod_residue.details          ? 
# 
_struct_site_keywords.site_id   1 
_struct_site_keywords.text      'MINOR GROOVE BINDER' 
# 
loop_
_chem_comp_atom.comp_id 
_chem_comp_atom.atom_id 
_chem_comp_atom.type_symbol 
_chem_comp_atom.pdbx_aromatic_flag 
_chem_comp_atom.pdbx_stereo_config 
_chem_comp_atom.pdbx_ordinal 
CBR BR     BR N N 1   
CBR P      P  N N 2   
CBR OP1    O  N N 3   
CBR OP2    O  N N 4   
CBR "O5'"  O  N N 5   
CBR N1     N  N N 6   
CBR C6     C  N N 7   
CBR C2     C  N N 8   
CBR O2     O  N N 9   
CBR N3     N  N N 10  
CBR C4     C  N N 11  
CBR N4     N  N N 12  
CBR C5     C  N N 13  
CBR "C2'"  C  N N 14  
CBR "C5'"  C  N N 15  
CBR "C4'"  C  N R 16  
CBR "O4'"  O  N N 17  
CBR "C1'"  C  N R 18  
CBR "C3'"  C  N S 19  
CBR "O3'"  O  N N 20  
CBR OP3    O  N N 21  
CBR HOP2   H  N N 22  
CBR H6     H  N N 23  
CBR H41    H  N N 24  
CBR H42    H  N N 25  
CBR "H2'"  H  N N 26  
CBR "H2''" H  N N 27  
CBR "H5'"  H  N N 28  
CBR "H5''" H  N N 29  
CBR "H4'"  H  N N 30  
CBR "H1'"  H  N N 31  
CBR "H3'"  H  N N 32  
CBR "HO3'" H  N N 33  
CBR HOP3   H  N N 34  
DA  OP3    O  N N 35  
DA  P      P  N N 36  
DA  OP1    O  N N 37  
DA  OP2    O  N N 38  
DA  "O5'"  O  N N 39  
DA  "C5'"  C  N N 40  
DA  "C4'"  C  N R 41  
DA  "O4'"  O  N N 42  
DA  "C3'"  C  N S 43  
DA  "O3'"  O  N N 44  
DA  "C2'"  C  N N 45  
DA  "C1'"  C  N R 46  
DA  N9     N  Y N 47  
DA  C8     C  Y N 48  
DA  N7     N  Y N 49  
DA  C5     C  Y N 50  
DA  C6     C  Y N 51  
DA  N6     N  N N 52  
DA  N1     N  Y N 53  
DA  C2     C  Y N 54  
DA  N3     N  Y N 55  
DA  C4     C  Y N 56  
DA  HOP3   H  N N 57  
DA  HOP2   H  N N 58  
DA  "H5'"  H  N N 59  
DA  "H5''" H  N N 60  
DA  "H4'"  H  N N 61  
DA  "H3'"  H  N N 62  
DA  "HO3'" H  N N 63  
DA  "H2'"  H  N N 64  
DA  "H2''" H  N N 65  
DA  "H1'"  H  N N 66  
DA  H8     H  N N 67  
DA  H61    H  N N 68  
DA  H62    H  N N 69  
DA  H2     H  N N 70  
DC  OP3    O  N N 71  
DC  P      P  N N 72  
DC  OP1    O  N N 73  
DC  OP2    O  N N 74  
DC  "O5'"  O  N N 75  
DC  "C5'"  C  N N 76  
DC  "C4'"  C  N R 77  
DC  "O4'"  O  N N 78  
DC  "C3'"  C  N S 79  
DC  "O3'"  O  N N 80  
DC  "C2'"  C  N N 81  
DC  "C1'"  C  N R 82  
DC  N1     N  N N 83  
DC  C2     C  N N 84  
DC  O2     O  N N 85  
DC  N3     N  N N 86  
DC  C4     C  N N 87  
DC  N4     N  N N 88  
DC  C5     C  N N 89  
DC  C6     C  N N 90  
DC  HOP3   H  N N 91  
DC  HOP2   H  N N 92  
DC  "H5'"  H  N N 93  
DC  "H5''" H  N N 94  
DC  "H4'"  H  N N 95  
DC  "H3'"  H  N N 96  
DC  "HO3'" H  N N 97  
DC  "H2'"  H  N N 98  
DC  "H2''" H  N N 99  
DC  "H1'"  H  N N 100 
DC  H41    H  N N 101 
DC  H42    H  N N 102 
DC  H5     H  N N 103 
DC  H6     H  N N 104 
DG  OP3    O  N N 105 
DG  P      P  N N 106 
DG  OP1    O  N N 107 
DG  OP2    O  N N 108 
DG  "O5'"  O  N N 109 
DG  "C5'"  C  N N 110 
DG  "C4'"  C  N R 111 
DG  "O4'"  O  N N 112 
DG  "C3'"  C  N S 113 
DG  "O3'"  O  N N 114 
DG  "C2'"  C  N N 115 
DG  "C1'"  C  N R 116 
DG  N9     N  Y N 117 
DG  C8     C  Y N 118 
DG  N7     N  Y N 119 
DG  C5     C  Y N 120 
DG  C6     C  N N 121 
DG  O6     O  N N 122 
DG  N1     N  N N 123 
DG  C2     C  N N 124 
DG  N2     N  N N 125 
DG  N3     N  N N 126 
DG  C4     C  Y N 127 
DG  HOP3   H  N N 128 
DG  HOP2   H  N N 129 
DG  "H5'"  H  N N 130 
DG  "H5''" H  N N 131 
DG  "H4'"  H  N N 132 
DG  "H3'"  H  N N 133 
DG  "HO3'" H  N N 134 
DG  "H2'"  H  N N 135 
DG  "H2''" H  N N 136 
DG  "H1'"  H  N N 137 
DG  H8     H  N N 138 
DG  H1     H  N N 139 
DG  H21    H  N N 140 
DG  H22    H  N N 141 
DT  OP3    O  N N 142 
DT  P      P  N N 143 
DT  OP1    O  N N 144 
DT  OP2    O  N N 145 
DT  "O5'"  O  N N 146 
DT  "C5'"  C  N N 147 
DT  "C4'"  C  N R 148 
DT  "O4'"  O  N N 149 
DT  "C3'"  C  N S 150 
DT  "O3'"  O  N N 151 
DT  "C2'"  C  N N 152 
DT  "C1'"  C  N R 153 
DT  N1     N  N N 154 
DT  C2     C  N N 155 
DT  O2     O  N N 156 
DT  N3     N  N N 157 
DT  C4     C  N N 158 
DT  O4     O  N N 159 
DT  C5     C  N N 160 
DT  C7     C  N N 161 
DT  C6     C  N N 162 
DT  HOP3   H  N N 163 
DT  HOP2   H  N N 164 
DT  "H5'"  H  N N 165 
DT  "H5''" H  N N 166 
DT  "H4'"  H  N N 167 
DT  "H3'"  H  N N 168 
DT  "HO3'" H  N N 169 
DT  "H2'"  H  N N 170 
DT  "H2''" H  N N 171 
DT  "H1'"  H  N N 172 
DT  H3     H  N N 173 
DT  H71    H  N N 174 
DT  H72    H  N N 175 
DT  H73    H  N N 176 
DT  H6     H  N N 177 
HOH O      O  N N 178 
HOH H1     H  N N 179 
HOH H2     H  N N 180 
TBZ N1     N  N N 181 
TBZ C1     C  N S 182 
TBZ C2     C  N N 183 
TBZ N2     N  N N 184 
TBZ C3     C  N N 185 
TBZ C4     C  N N 186 
TBZ C5     C  Y N 187 
TBZ C6     C  Y N 188 
TBZ C7     C  Y N 189 
TBZ C8     C  Y N 190 
TBZ C9     C  Y N 191 
TBZ C10    C  Y N 192 
TBZ N3     N  Y N 193 
TBZ C11    C  Y N 194 
TBZ N4     N  Y N 195 
TBZ C12    C  Y N 196 
TBZ C13    C  Y N 197 
TBZ C14    C  Y N 198 
TBZ C15    C  Y N 199 
TBZ C16    C  Y N 200 
TBZ C17    C  Y N 201 
TBZ N5     N  Y N 202 
TBZ C18    C  Y N 203 
TBZ N6     N  Y N 204 
TBZ C19    C  Y N 205 
TBZ C20    C  Y N 206 
TBZ C21    C  Y N 207 
TBZ C22    C  Y N 208 
TBZ C23    C  Y N 209 
TBZ C24    C  Y N 210 
TBZ N7     N  Y N 211 
TBZ C25    C  Y N 212 
TBZ N8     N  Y N 213 
TBZ C26    C  Y N 214 
TBZ C27    C  Y N 215 
TBZ C28    C  Y N 216 
TBZ C29    C  Y N 217 
TBZ C30    C  Y N 218 
TBZ C31    C  Y N 219 
TBZ O1     O  N N 220 
TBZ C32    C  N N 221 
TBZ HN11   H  N N 222 
TBZ HN12   H  N N 223 
TBZ HN13   H  N N 224 
TBZ H1     H  N N 225 
TBZ H21    H  N N 226 
TBZ H22    H  N N 227 
TBZ H31A   H  N N 228 
TBZ H32    H  N N 229 
TBZ H41    H  N N 230 
TBZ H42    H  N N 231 
TBZ H6     H  N N 232 
TBZ H9     H  N N 233 
TBZ H10    H  N N 234 
TBZ HN3    H  N N 235 
TBZ H13    H  N N 236 
TBZ H16    H  N N 237 
TBZ H17    H  N N 238 
TBZ HN5    H  N N 239 
TBZ H20    H  N N 240 
TBZ H23    H  N N 241 
TBZ H24    H  N N 242 
TBZ HN7    H  N N 243 
TBZ H27    H  N N 244 
TBZ H28    H  N N 245 
TBZ H30    H  N N 246 
TBZ H31    H  N N 247 
TBZ H321   H  N N 248 
TBZ H322   H  N N 249 
TBZ H323   H  N N 250 
# 
loop_
_chem_comp_bond.comp_id 
_chem_comp_bond.atom_id_1 
_chem_comp_bond.atom_id_2 
_chem_comp_bond.value_order 
_chem_comp_bond.pdbx_aromatic_flag 
_chem_comp_bond.pdbx_stereo_config 
_chem_comp_bond.pdbx_ordinal 
CBR BR    C5     sing N N 1   
CBR P     OP1    doub N N 2   
CBR P     OP2    sing N N 3   
CBR P     "O5'"  sing N N 4   
CBR P     OP3    sing N N 5   
CBR OP2   HOP2   sing N N 6   
CBR "O5'" "C5'"  sing N N 7   
CBR N1    C6     sing N N 8   
CBR N1    C2     sing N N 9   
CBR N1    "C1'"  sing N N 10  
CBR C6    C5     doub N N 11  
CBR C6    H6     sing N N 12  
CBR C2    O2     doub N N 13  
CBR C2    N3     sing N N 14  
CBR N3    C4     doub N N 15  
CBR C4    N4     sing N N 16  
CBR C4    C5     sing N N 17  
CBR N4    H41    sing N N 18  
CBR N4    H42    sing N N 19  
CBR "C2'" "C1'"  sing N N 20  
CBR "C2'" "C3'"  sing N N 21  
CBR "C2'" "H2'"  sing N N 22  
CBR "C2'" "H2''" sing N N 23  
CBR "C5'" "C4'"  sing N N 24  
CBR "C5'" "H5'"  sing N N 25  
CBR "C5'" "H5''" sing N N 26  
CBR "C4'" "O4'"  sing N N 27  
CBR "C4'" "C3'"  sing N N 28  
CBR "C4'" "H4'"  sing N N 29  
CBR "O4'" "C1'"  sing N N 30  
CBR "C1'" "H1'"  sing N N 31  
CBR "C3'" "O3'"  sing N N 32  
CBR "C3'" "H3'"  sing N N 33  
CBR "O3'" "HO3'" sing N N 34  
CBR OP3   HOP3   sing N N 35  
DA  OP3   P      sing N N 36  
DA  OP3   HOP3   sing N N 37  
DA  P     OP1    doub N N 38  
DA  P     OP2    sing N N 39  
DA  P     "O5'"  sing N N 40  
DA  OP2   HOP2   sing N N 41  
DA  "O5'" "C5'"  sing N N 42  
DA  "C5'" "C4'"  sing N N 43  
DA  "C5'" "H5'"  sing N N 44  
DA  "C5'" "H5''" sing N N 45  
DA  "C4'" "O4'"  sing N N 46  
DA  "C4'" "C3'"  sing N N 47  
DA  "C4'" "H4'"  sing N N 48  
DA  "O4'" "C1'"  sing N N 49  
DA  "C3'" "O3'"  sing N N 50  
DA  "C3'" "C2'"  sing N N 51  
DA  "C3'" "H3'"  sing N N 52  
DA  "O3'" "HO3'" sing N N 53  
DA  "C2'" "C1'"  sing N N 54  
DA  "C2'" "H2'"  sing N N 55  
DA  "C2'" "H2''" sing N N 56  
DA  "C1'" N9     sing N N 57  
DA  "C1'" "H1'"  sing N N 58  
DA  N9    C8     sing Y N 59  
DA  N9    C4     sing Y N 60  
DA  C8    N7     doub Y N 61  
DA  C8    H8     sing N N 62  
DA  N7    C5     sing Y N 63  
DA  C5    C6     sing Y N 64  
DA  C5    C4     doub Y N 65  
DA  C6    N6     sing N N 66  
DA  C6    N1     doub Y N 67  
DA  N6    H61    sing N N 68  
DA  N6    H62    sing N N 69  
DA  N1    C2     sing Y N 70  
DA  C2    N3     doub Y N 71  
DA  C2    H2     sing N N 72  
DA  N3    C4     sing Y N 73  
DC  OP3   P      sing N N 74  
DC  OP3   HOP3   sing N N 75  
DC  P     OP1    doub N N 76  
DC  P     OP2    sing N N 77  
DC  P     "O5'"  sing N N 78  
DC  OP2   HOP2   sing N N 79  
DC  "O5'" "C5'"  sing N N 80  
DC  "C5'" "C4'"  sing N N 81  
DC  "C5'" "H5'"  sing N N 82  
DC  "C5'" "H5''" sing N N 83  
DC  "C4'" "O4'"  sing N N 84  
DC  "C4'" "C3'"  sing N N 85  
DC  "C4'" "H4'"  sing N N 86  
DC  "O4'" "C1'"  sing N N 87  
DC  "C3'" "O3'"  sing N N 88  
DC  "C3'" "C2'"  sing N N 89  
DC  "C3'" "H3'"  sing N N 90  
DC  "O3'" "HO3'" sing N N 91  
DC  "C2'" "C1'"  sing N N 92  
DC  "C2'" "H2'"  sing N N 93  
DC  "C2'" "H2''" sing N N 94  
DC  "C1'" N1     sing N N 95  
DC  "C1'" "H1'"  sing N N 96  
DC  N1    C2     sing N N 97  
DC  N1    C6     sing N N 98  
DC  C2    O2     doub N N 99  
DC  C2    N3     sing N N 100 
DC  N3    C4     doub N N 101 
DC  C4    N4     sing N N 102 
DC  C4    C5     sing N N 103 
DC  N4    H41    sing N N 104 
DC  N4    H42    sing N N 105 
DC  C5    C6     doub N N 106 
DC  C5    H5     sing N N 107 
DC  C6    H6     sing N N 108 
DG  OP3   P      sing N N 109 
DG  OP3   HOP3   sing N N 110 
DG  P     OP1    doub N N 111 
DG  P     OP2    sing N N 112 
DG  P     "O5'"  sing N N 113 
DG  OP2   HOP2   sing N N 114 
DG  "O5'" "C5'"  sing N N 115 
DG  "C5'" "C4'"  sing N N 116 
DG  "C5'" "H5'"  sing N N 117 
DG  "C5'" "H5''" sing N N 118 
DG  "C4'" "O4'"  sing N N 119 
DG  "C4'" "C3'"  sing N N 120 
DG  "C4'" "H4'"  sing N N 121 
DG  "O4'" "C1'"  sing N N 122 
DG  "C3'" "O3'"  sing N N 123 
DG  "C3'" "C2'"  sing N N 124 
DG  "C3'" "H3'"  sing N N 125 
DG  "O3'" "HO3'" sing N N 126 
DG  "C2'" "C1'"  sing N N 127 
DG  "C2'" "H2'"  sing N N 128 
DG  "C2'" "H2''" sing N N 129 
DG  "C1'" N9     sing N N 130 
DG  "C1'" "H1'"  sing N N 131 
DG  N9    C8     sing Y N 132 
DG  N9    C4     sing Y N 133 
DG  C8    N7     doub Y N 134 
DG  C8    H8     sing N N 135 
DG  N7    C5     sing Y N 136 
DG  C5    C6     sing N N 137 
DG  C5    C4     doub Y N 138 
DG  C6    O6     doub N N 139 
DG  C6    N1     sing N N 140 
DG  N1    C2     sing N N 141 
DG  N1    H1     sing N N 142 
DG  C2    N2     sing N N 143 
DG  C2    N3     doub N N 144 
DG  N2    H21    sing N N 145 
DG  N2    H22    sing N N 146 
DG  N3    C4     sing N N 147 
DT  OP3   P      sing N N 148 
DT  OP3   HOP3   sing N N 149 
DT  P     OP1    doub N N 150 
DT  P     OP2    sing N N 151 
DT  P     "O5'"  sing N N 152 
DT  OP2   HOP2   sing N N 153 
DT  "O5'" "C5'"  sing N N 154 
DT  "C5'" "C4'"  sing N N 155 
DT  "C5'" "H5'"  sing N N 156 
DT  "C5'" "H5''" sing N N 157 
DT  "C4'" "O4'"  sing N N 158 
DT  "C4'" "C3'"  sing N N 159 
DT  "C4'" "H4'"  sing N N 160 
DT  "O4'" "C1'"  sing N N 161 
DT  "C3'" "O3'"  sing N N 162 
DT  "C3'" "C2'"  sing N N 163 
DT  "C3'" "H3'"  sing N N 164 
DT  "O3'" "HO3'" sing N N 165 
DT  "C2'" "C1'"  sing N N 166 
DT  "C2'" "H2'"  sing N N 167 
DT  "C2'" "H2''" sing N N 168 
DT  "C1'" N1     sing N N 169 
DT  "C1'" "H1'"  sing N N 170 
DT  N1    C2     sing N N 171 
DT  N1    C6     sing N N 172 
DT  C2    O2     doub N N 173 
DT  C2    N3     sing N N 174 
DT  N3    C4     sing N N 175 
DT  N3    H3     sing N N 176 
DT  C4    O4     doub N N 177 
DT  C4    C5     sing N N 178 
DT  C5    C7     sing N N 179 
DT  C5    C6     doub N N 180 
DT  C7    H71    sing N N 181 
DT  C7    H72    sing N N 182 
DT  C7    H73    sing N N 183 
DT  C6    H6     sing N N 184 
HOH O     H1     sing N N 185 
HOH O     H2     sing N N 186 
TBZ N1    C1     sing N N 187 
TBZ N1    HN11   sing N N 188 
TBZ N1    HN12   sing N N 189 
TBZ N1    HN13   sing N N 190 
TBZ C1    C2     sing N N 191 
TBZ C1    C4     sing N N 192 
TBZ C1    H1     sing N N 193 
TBZ C2    N2     sing N N 194 
TBZ C2    H21    sing N N 195 
TBZ C2    H22    sing N N 196 
TBZ N2    C3     sing N N 197 
TBZ N2    C5     sing N N 198 
TBZ C3    C4     sing N N 199 
TBZ C3    H31A   sing N N 200 
TBZ C3    H32    sing N N 201 
TBZ C4    H41    sing N N 202 
TBZ C4    H42    sing N N 203 
TBZ C5    C6     doub Y N 204 
TBZ C5    C10    sing Y N 205 
TBZ C6    C7     sing Y N 206 
TBZ C6    H6     sing N N 207 
TBZ C7    C8     doub Y N 208 
TBZ C7    N3     sing Y N 209 
TBZ C8    C9     sing Y N 210 
TBZ C8    N4     sing Y N 211 
TBZ C9    C10    doub Y N 212 
TBZ C9    H9     sing N N 213 
TBZ C10   H10    sing N N 214 
TBZ N3    C11    sing Y N 215 
TBZ N3    HN3    sing N N 216 
TBZ C11   N4     doub Y N 217 
TBZ C11   C12    sing Y N 218 
TBZ C12   C13    doub Y N 219 
TBZ C12   C17    sing Y N 220 
TBZ C13   C14    sing Y N 221 
TBZ C13   H13    sing N N 222 
TBZ C14   C15    doub Y N 223 
TBZ C14   N5     sing Y N 224 
TBZ C15   C16    sing Y N 225 
TBZ C15   N6     sing Y N 226 
TBZ C16   C17    doub Y N 227 
TBZ C16   H16    sing N N 228 
TBZ C17   H17    sing N N 229 
TBZ N5    C18    sing Y N 230 
TBZ N5    HN5    sing N N 231 
TBZ C18   N6     doub Y N 232 
TBZ C18   C19    sing Y N 233 
TBZ C19   C20    doub Y N 234 
TBZ C19   C24    sing Y N 235 
TBZ C20   C21    sing Y N 236 
TBZ C20   H20    sing N N 237 
TBZ C21   C22    doub Y N 238 
TBZ C21   N7     sing Y N 239 
TBZ C22   C23    sing Y N 240 
TBZ C22   N8     sing Y N 241 
TBZ C23   C24    doub Y N 242 
TBZ C23   H23    sing N N 243 
TBZ C24   H24    sing N N 244 
TBZ N7    C25    sing Y N 245 
TBZ N7    HN7    sing N N 246 
TBZ C25   N8     doub Y N 247 
TBZ C25   C26    sing Y N 248 
TBZ C26   C27    sing Y N 249 
TBZ C26   C31    doub Y N 250 
TBZ C27   C28    doub Y N 251 
TBZ C27   H27    sing N N 252 
TBZ C28   C29    sing Y N 253 
TBZ C28   H28    sing N N 254 
TBZ C29   C30    doub Y N 255 
TBZ C29   O1     sing N N 256 
TBZ C30   C31    sing Y N 257 
TBZ C30   H30    sing N N 258 
TBZ C31   H31    sing N N 259 
TBZ O1    C32    sing N N 260 
TBZ C32   H321   sing N N 261 
TBZ C32   H322   sing N N 262 
TBZ C32   H323   sing N N 263 
# 
_ndb_struct_conf_na.entry_id   459D 
_ndb_struct_conf_na.feature    'b-form double helix' 
# 
loop_
_ndb_struct_na_base_pair.model_number 
_ndb_struct_na_base_pair.i_label_asym_id 
_ndb_struct_na_base_pair.i_label_comp_id 
_ndb_struct_na_base_pair.i_label_seq_id 
_ndb_struct_na_base_pair.i_symmetry 
_ndb_struct_na_base_pair.j_label_asym_id 
_ndb_struct_na_base_pair.j_label_comp_id 
_ndb_struct_na_base_pair.j_label_seq_id 
_ndb_struct_na_base_pair.j_symmetry 
_ndb_struct_na_base_pair.shear 
_ndb_struct_na_base_pair.stretch 
_ndb_struct_na_base_pair.stagger 
_ndb_struct_na_base_pair.buckle 
_ndb_struct_na_base_pair.propeller 
_ndb_struct_na_base_pair.opening 
_ndb_struct_na_base_pair.pair_number 
_ndb_struct_na_base_pair.pair_name 
_ndb_struct_na_base_pair.i_auth_asym_id 
_ndb_struct_na_base_pair.i_auth_seq_id 
_ndb_struct_na_base_pair.i_PDB_ins_code 
_ndb_struct_na_base_pair.j_auth_asym_id 
_ndb_struct_na_base_pair.j_auth_seq_id 
_ndb_struct_na_base_pair.j_PDB_ins_code 
_ndb_struct_na_base_pair.hbond_type_28 
_ndb_struct_na_base_pair.hbond_type_12 
1 A DC  1  1_555 B DG 12 1_555 0.151  -0.043 -0.199 1.520   -10.064 1.954  1  A_DC1:DG24_B  A 1  ? B 24 ? 19 1 
1 A DG  2  1_555 B DC 11 1_555 -0.448 -0.083 0.308  -1.103  -13.244 -4.513 2  A_DG2:DC23_B  A 2  ? B 23 ? 19 1 
1 A CBR 3  1_555 B DG 10 1_555 -0.584 0.019  0.020  2.212   -1.465  2.098  3  A_CBR3:DG22_B A 3  ? B 22 ? 19 1 
1 A DA  4  1_555 B DT 9  1_555 -0.166 -0.172 0.404  16.253  -10.999 -0.844 4  A_DA4:DT21_B  A 4  ? B 21 ? 20 1 
1 A DT  5  1_555 B DA 8  1_555 -0.393 -0.032 0.256  16.103  -14.516 0.040  5  A_DT5:DA20_B  A 5  ? B 20 ? 20 1 
1 A DA  6  1_555 B DT 7  1_555 0.121  -0.178 0.212  -5.241  -18.910 3.528  6  A_DA6:DT19_B  A 6  ? B 19 ? 20 1 
1 A DT  7  1_555 B DA 6  1_555 -0.147 -0.193 -0.130 -8.529  -22.519 4.720  7  A_DT7:DA18_B  A 7  ? B 18 ? 20 1 
1 A DT  8  1_555 B DA 5  1_555 -0.801 -0.239 0.417  -15.466 -18.147 3.037  8  A_DT8:DA17_B  A 8  ? B 17 ? 20 1 
1 A DT  9  1_555 B DA 4  1_555 0.158  -0.007 -0.009 -6.991  -19.258 0.694  9  A_DT9:DA16_B  A 9  ? B 16 ? 20 1 
1 A DG  10 1_555 B DC 3  1_555 0.480  0.006  0.707  14.328  -11.476 -1.546 10 A_DG10:DC15_B A 10 ? B 15 ? 19 1 
1 A DC  11 1_555 B DG 2  1_555 -0.583 -0.209 0.795  -2.283  -21.398 -8.792 11 A_DC11:DG14_B A 11 ? B 14 ? 19 1 
1 A DG  12 1_555 B DC 1  1_555 -0.040 -0.120 0.285  2.904   -14.027 -4.371 12 A_DG12:DC13_B A 12 ? B 13 ? 19 1 
# 
loop_
_ndb_struct_na_base_pair_step.model_number 
_ndb_struct_na_base_pair_step.i_label_asym_id_1 
_ndb_struct_na_base_pair_step.i_label_comp_id_1 
_ndb_struct_na_base_pair_step.i_label_seq_id_1 
_ndb_struct_na_base_pair_step.i_symmetry_1 
_ndb_struct_na_base_pair_step.j_label_asym_id_1 
_ndb_struct_na_base_pair_step.j_label_comp_id_1 
_ndb_struct_na_base_pair_step.j_label_seq_id_1 
_ndb_struct_na_base_pair_step.j_symmetry_1 
_ndb_struct_na_base_pair_step.i_label_asym_id_2 
_ndb_struct_na_base_pair_step.i_label_comp_id_2 
_ndb_struct_na_base_pair_step.i_label_seq_id_2 
_ndb_struct_na_base_pair_step.i_symmetry_2 
_ndb_struct_na_base_pair_step.j_label_asym_id_2 
_ndb_struct_na_base_pair_step.j_label_comp_id_2 
_ndb_struct_na_base_pair_step.j_label_seq_id_2 
_ndb_struct_na_base_pair_step.j_symmetry_2 
_ndb_struct_na_base_pair_step.shift 
_ndb_struct_na_base_pair_step.slide 
_ndb_struct_na_base_pair_step.rise 
_ndb_struct_na_base_pair_step.tilt 
_ndb_struct_na_base_pair_step.roll 
_ndb_struct_na_base_pair_step.twist 
_ndb_struct_na_base_pair_step.x_displacement 
_ndb_struct_na_base_pair_step.y_displacement 
_ndb_struct_na_base_pair_step.helical_rise 
_ndb_struct_na_base_pair_step.inclination 
_ndb_struct_na_base_pair_step.tip 
_ndb_struct_na_base_pair_step.helical_twist 
_ndb_struct_na_base_pair_step.step_number 
_ndb_struct_na_base_pair_step.step_name 
_ndb_struct_na_base_pair_step.i_auth_asym_id_1 
_ndb_struct_na_base_pair_step.i_auth_seq_id_1 
_ndb_struct_na_base_pair_step.i_PDB_ins_code_1 
_ndb_struct_na_base_pair_step.j_auth_asym_id_1 
_ndb_struct_na_base_pair_step.j_auth_seq_id_1 
_ndb_struct_na_base_pair_step.j_PDB_ins_code_1 
_ndb_struct_na_base_pair_step.i_auth_asym_id_2 
_ndb_struct_na_base_pair_step.i_auth_seq_id_2 
_ndb_struct_na_base_pair_step.i_PDB_ins_code_2 
_ndb_struct_na_base_pair_step.j_auth_asym_id_2 
_ndb_struct_na_base_pair_step.j_auth_seq_id_2 
_ndb_struct_na_base_pair_step.j_PDB_ins_code_2 
1 A DC  1  1_555 B DG 12 1_555 A DG  2  1_555 B DC 11 1_555 -0.320 0.294  3.457 -0.963 5.215   35.349 -0.323 0.373  3.471 8.529   
1.575  35.732 1  AA_DC1DG2:DC23DG24_BB   A 1  ? B 24 ? A 2  ? B 23 ? 
1 A DG  2  1_555 B DC 11 1_555 A CBR 3  1_555 B DG 10 1_555 0.849  0.174  3.226 1.211  -1.470  39.217 0.432  -1.120 3.241 -2.188  
-1.803 39.261 2  AA_DG2CBR3:DG22DC23_BB  A 2  ? B 23 ? A 3  ? B 22 ? 
1 A CBR 3  1_555 B DG 10 1_555 A DA  4  1_555 B DT 9  1_555 -0.523 0.636  3.062 -2.374 5.254   31.519 0.244  0.537  3.154 9.572   
4.325  32.029 3  AA_CBR3DA4:DT21DG22_BB  A 3  ? B 22 ? A 4  ? B 21 ? 
1 A DA  4  1_555 B DT 9  1_555 A DT  5  1_555 B DA 8  1_555 0.199  -0.569 3.267 -1.020 -2.030  29.715 -0.681 -0.600 3.289 -3.952  
1.985  29.800 4  AA_DA4DT5:DA20DT21_BB   A 4  ? B 21 ? A 5  ? B 20 ? 
1 A DT  5  1_555 B DA 8  1_555 A DA  6  1_555 B DT 7  1_555 0.258  -0.391 3.753 -0.041 1.053   42.556 -0.660 -0.360 3.743 1.450   
0.057  42.569 5  AA_DT5DA6:DT19DA20_BB   A 5  ? B 20 ? A 6  ? B 19 ? 
1 A DA  6  1_555 B DT 7  1_555 A DT  7  1_555 B DA 6  1_555 -0.210 -0.766 3.294 3.585  1.813   29.496 -1.869 1.156  3.195 3.539   
-7.000 29.762 6  AA_DA6DT7:DA18DT19_BB   A 6  ? B 19 ? A 7  ? B 18 ? 
1 A DT  7  1_555 B DA 6  1_555 A DT  8  1_555 B DA 5  1_555 -0.107 -0.462 3.436 -4.839 3.371   33.051 -1.378 -0.645 3.355 5.868   
8.422  33.559 7  AA_DT7DT8:DA17DA18_BB   A 7  ? B 18 ? A 8  ? B 17 ? 
1 A DT  8  1_555 B DA 5  1_555 A DT  9  1_555 B DA 4  1_555 -0.152 -0.031 3.036 4.083  -10.848 42.427 0.915  0.563  2.932 -14.665 
-5.519 43.911 8  AA_DT8DT9:DA16DA17_BB   A 8  ? B 17 ? A 9  ? B 16 ? 
1 A DT  9  1_555 B DA 4  1_555 A DG  10 1_555 B DC 3  1_555 0.385  0.990  2.817 -5.613 6.970   32.366 0.704  -1.482 2.858 12.216  
9.837  33.548 9  AA_DT9DG10:DC15DA16_BB  A 9  ? B 16 ? A 10 ? B 15 ? 
1 A DG  10 1_555 B DC 3  1_555 A DC  11 1_555 B DG 2  1_555 -1.110 0.144  3.699 -4.470 -9.077  37.423 1.493  1.046  3.670 -13.839 
6.816  38.720 10 AA_DG10DC11:DG14DC15_BB A 10 ? B 15 ? A 11 ? B 14 ? 
1 A DC  11 1_555 B DG 2  1_555 A DG  12 1_555 B DC 1  1_555 0.164  0.646  3.299 2.600  2.171   40.456 0.686  0.058  3.331 3.132   
-3.752 40.592 11 AA_DC11DG12:DC13DG14_BB A 11 ? B 14 ? A 12 ? B 13 ? 
# 
_atom_sites.entry_id                    459D 
_atom_sites.fract_transf_matrix[1][1]   0.00204536 
_atom_sites.fract_transf_matrix[1][2]   -0.01033572 
_atom_sites.fract_transf_matrix[1][3]   -0.03777412 
_atom_sites.fract_transf_matrix[2][1]   0.01245230 
_atom_sites.fract_transf_matrix[2][2]   -0.02043861 
_atom_sites.fract_transf_matrix[2][3]   0.00626665 
_atom_sites.fract_transf_matrix[3][1]   -0.01315862 
_atom_sites.fract_transf_matrix[3][2]   -0.00759797 
_atom_sites.fract_transf_matrix[3][3]   0.00136645 
_atom_sites.fract_transf_vector[1]      0.416468 
_atom_sites.fract_transf_vector[2]      0.034930 
_atom_sites.fract_transf_vector[3]      0.370958 
# 
loop_
_atom_type.symbol 
BR 
C  
N  
O  
P  
# 
loop_
_atom_site.group_PDB 
_atom_site.id 
_atom_site.type_symbol 
_atom_site.label_atom_id 
_atom_site.label_alt_id 
_atom_site.label_comp_id 
_atom_site.label_asym_id 
_atom_site.label_entity_id 
_atom_site.label_seq_id 
_atom_site.pdbx_PDB_ins_code 
_atom_site.Cartn_x 
_atom_site.Cartn_y 
_atom_site.Cartn_z 
_atom_site.occupancy 
_atom_site.B_iso_or_equiv 
_atom_site.pdbx_formal_charge 
_atom_site.auth_seq_id 
_atom_site.auth_comp_id 
_atom_site.auth_asym_id 
_atom_site.auth_atom_id 
_atom_site.pdbx_PDB_model_num 
ATOM   1   O  "O5'" . DC  A 1 1  ? 19.630  -0.508  4.763   1.00 63.00  ? 1    DC  A "O5'" 1 
ATOM   2   C  "C5'" . DC  A 1 1  ? 19.512  -1.033  6.090   1.00 62.13  ? 1    DC  A "C5'" 1 
ATOM   3   C  "C4'" . DC  A 1 1  ? 18.631  -0.117  6.902   1.00 54.36  ? 1    DC  A "C4'" 1 
ATOM   4   O  "O4'" . DC  A 1 1  ? 18.495  1.144   6.204   1.00 45.70  ? 1    DC  A "O4'" 1 
ATOM   5   C  "C3'" . DC  A 1 1  ? 17.205  -0.597  7.130   1.00 57.37  ? 1    DC  A "C3'" 1 
ATOM   6   O  "O3'" . DC  A 1 1  ? 16.713  -0.130  8.379   1.00 69.38  ? 1    DC  A "O3'" 1 
ATOM   7   C  "C2'" . DC  A 1 1  ? 16.453  -0.028  5.947   1.00 54.50  ? 1    DC  A "C2'" 1 
ATOM   8   C  "C1'" . DC  A 1 1  ? 17.164  1.286   5.698   1.00 51.82  ? 1    DC  A "C1'" 1 
ATOM   9   N  N1    . DC  A 1 1  ? 17.202  1.657   4.253   1.00 52.59  ? 1    DC  A N1    1 
ATOM   10  C  C2    . DC  A 1 1  ? 17.106  3.015   3.937   1.00 50.78  ? 1    DC  A C2    1 
ATOM   11  O  O2    . DC  A 1 1  ? 16.992  3.822   4.867   1.00 45.27  ? 1    DC  A O2    1 
ATOM   12  N  N3    . DC  A 1 1  ? 17.138  3.397   2.643   1.00 53.35  ? 1    DC  A N3    1 
ATOM   13  C  C4    . DC  A 1 1  ? 17.262  2.483   1.677   1.00 50.97  ? 1    DC  A C4    1 
ATOM   14  N  N4    . DC  A 1 1  ? 17.288  2.922   0.416   1.00 37.76  ? 1    DC  A N4    1 
ATOM   15  C  C5    . DC  A 1 1  ? 17.366  1.095   1.974   1.00 56.38  ? 1    DC  A C5    1 
ATOM   16  C  C6    . DC  A 1 1  ? 17.332  0.727   3.264   1.00 56.07  ? 1    DC  A C6    1 
ATOM   17  P  P     . DG  A 1 2  ? 15.150  -0.209  8.745   1.00 77.46  ? 2    DG  A P     1 
ATOM   18  O  OP1   . DG  A 1 2  ? 14.990  -0.481  10.198  1.00 87.76  ? 2    DG  A OP1   1 
ATOM   19  O  OP2   . DG  A 1 2  ? 14.444  -1.085  7.768   1.00 72.35  ? 2    DG  A OP2   1 
ATOM   20  O  "O5'" . DG  A 1 2  ? 14.649  1.284   8.472   1.00 78.29  ? 2    DG  A "O5'" 1 
ATOM   21  C  "C5'" . DG  A 1 2  ? 14.926  2.325   9.405   1.00 67.80  ? 2    DG  A "C5'" 1 
ATOM   22  C  "C4'" . DG  A 1 2  ? 13.942  3.449   9.220   1.00 54.67  ? 2    DG  A "C4'" 1 
ATOM   23  O  "O4'" . DG  A 1 2  ? 13.984  3.975   7.868   1.00 50.62  ? 2    DG  A "O4'" 1 
ATOM   24  C  "C3'" . DG  A 1 2  ? 12.471  3.074   9.419   1.00 49.99  ? 2    DG  A "C3'" 1 
ATOM   25  O  "O3'" . DG  A 1 2  ? 11.838  4.200   9.967   1.00 61.53  ? 2    DG  A "O3'" 1 
ATOM   26  C  "C2'" . DG  A 1 2  ? 12.004  2.706   8.033   1.00 42.24  ? 2    DG  A "C2'" 1 
ATOM   27  C  "C1'" . DG  A 1 2  ? 12.742  3.740   7.202   1.00 46.61  ? 2    DG  A "C1'" 1 
ATOM   28  N  N9    . DG  A 1 2  ? 12.954  3.260   5.823   1.00 44.71  ? 2    DG  A N9    1 
ATOM   29  C  C8    . DG  A 1 2  ? 13.145  1.978   5.362   1.00 45.06  ? 2    DG  A C8    1 
ATOM   30  N  N7    . DG  A 1 2  ? 13.302  1.920   4.072   1.00 41.57  ? 2    DG  A N7    1 
ATOM   31  C  C5    . DG  A 1 2  ? 13.211  3.242   3.658   1.00 45.31  ? 2    DG  A C5    1 
ATOM   32  C  C6    . DG  A 1 2  ? 13.305  3.787   2.351   1.00 40.72  ? 2    DG  A C6    1 
ATOM   33  O  O6    . DG  A 1 2  ? 13.494  3.219   1.267   1.00 37.83  ? 2    DG  A O6    1 
ATOM   34  N  N1    . DG  A 1 2  ? 13.154  5.159   2.396   1.00 32.33  ? 2    DG  A N1    1 
ATOM   35  C  C2    . DG  A 1 2  ? 12.942  5.926   3.515   1.00 39.68  ? 2    DG  A C2    1 
ATOM   36  N  N2    . DG  A 1 2  ? 12.831  7.244   3.267   1.00 52.12  ? 2    DG  A N2    1 
ATOM   37  N  N3    . DG  A 1 2  ? 12.850  5.435   4.741   1.00 39.57  ? 2    DG  A N3    1 
ATOM   38  C  C4    . DG  A 1 2  ? 12.995  4.086   4.729   1.00 45.24  ? 2    DG  A C4    1 
HETATM 39  BR BR    . CBR A 1 3  ? 9.693   1.268   5.799   1.00 103.48 ? 3    CBR A BR    1 
HETATM 40  P  P     . CBR A 1 3  ? 10.421  4.237   10.712  1.00 66.30  ? 3    CBR A P     1 
HETATM 41  O  OP1   . CBR A 1 3  ? 10.621  4.675   12.118  1.00 64.46  ? 3    CBR A OP1   1 
HETATM 42  O  OP2   . CBR A 1 3  ? 9.654   2.996   10.438  1.00 62.81  ? 3    CBR A OP2   1 
HETATM 43  O  "O5'" . CBR A 1 3  ? 9.687   5.437   9.934   1.00 66.52  ? 3    CBR A "O5'" 1 
HETATM 44  N  N1    . CBR A 1 3  ? 9.255   5.279   4.981   1.00 55.24  ? 3    CBR A N1    1 
HETATM 45  C  C6    . CBR A 1 3  ? 9.297   4.069   5.613   1.00 51.57  ? 3    CBR A C6    1 
HETATM 46  C  C2    . CBR A 1 3  ? 9.551   5.374   3.628   1.00 54.93  ? 3    CBR A C2    1 
HETATM 47  O  O2    . CBR A 1 3  ? 9.510   6.474   3.063   1.00 66.12  ? 3    CBR A O2    1 
HETATM 48  N  N3    . CBR A 1 3  ? 9.884   4.255   2.942   1.00 63.50  ? 3    CBR A N3    1 
HETATM 49  C  C4    . CBR A 1 3  ? 9.923   3.072   3.570   1.00 57.03  ? 3    CBR A C4    1 
HETATM 50  N  N4    . CBR A 1 3  ? 10.262  2.020   2.811   1.00 46.94  ? 3    CBR A N4    1 
HETATM 51  C  C5    . CBR A 1 3  ? 9.625   2.948   4.951   1.00 48.06  ? 3    CBR A C5    1 
HETATM 52  C  "C2'" . CBR A 1 3  ? 7.644   6.341   6.563   1.00 57.93  ? 3    CBR A "C2'" 1 
HETATM 53  C  "C5'" . CBR A 1 3  ? 10.180  5.693   8.610   1.00 66.69  ? 3    CBR A "C5'" 1 
HETATM 54  C  "C4'" . CBR A 1 3  ? 9.513   6.878   7.968   1.00 61.65  ? 3    CBR A "C4'" 1 
HETATM 55  O  "O4'" . CBR A 1 3  ? 9.932   6.943   6.586   1.00 61.83  ? 3    CBR A "O4'" 1 
HETATM 56  C  "C1'" . CBR A 1 3  ? 8.891   6.532   5.714   1.00 62.02  ? 3    CBR A "C1'" 1 
HETATM 57  C  "C3'" . CBR A 1 3  ? 7.993   6.834   7.943   1.00 56.56  ? 3    CBR A "C3'" 1 
HETATM 58  O  "O3'" . CBR A 1 3  ? 7.431   8.128   8.199   1.00 49.69  ? 3    CBR A "O3'" 1 
ATOM   59  P  P     . DA  A 1 4  ? 5.829   8.236   8.317   1.00 56.51  ? 4    DA  A P     1 
ATOM   60  O  OP1   . DA  A 1 4  ? 5.467   9.199   9.392   1.00 59.83  ? 4    DA  A OP1   1 
ATOM   61  O  OP2   . DA  A 1 4  ? 5.250   6.862   8.375   1.00 52.67  ? 4    DA  A OP2   1 
ATOM   62  O  "O5'" . DA  A 1 4  ? 5.405   8.874   6.915   1.00 52.11  ? 4    DA  A "O5'" 1 
ATOM   63  C  "C5'" . DA  A 1 4  ? 6.310   9.585   6.092   1.00 44.66  ? 4    DA  A "C5'" 1 
ATOM   64  C  "C4'" . DA  A 1 4  ? 5.759   9.982   4.747   1.00 48.15  ? 4    DA  A "C4'" 1 
ATOM   65  O  "O4'" . DA  A 1 4  ? 6.196   9.060   3.708   1.00 49.86  ? 4    DA  A "O4'" 1 
ATOM   66  C  "C3'" . DA  A 1 4  ? 4.240   9.975   4.583   1.00 56.40  ? 4    DA  A "C3'" 1 
ATOM   67  O  "O3'" . DA  A 1 4  ? 3.863   10.949  3.619   1.00 61.31  ? 4    DA  A "O3'" 1 
ATOM   68  C  "C2'" . DA  A 1 4  ? 3.932   8.566   4.149   1.00 52.60  ? 4    DA  A "C2'" 1 
ATOM   69  C  "C1'" . DA  A 1 4  ? 5.095   8.280   3.211   1.00 51.25  ? 4    DA  A "C1'" 1 
ATOM   70  N  N9    . DA  A 1 4  ? 5.462   6.866   3.172   1.00 41.02  ? 4    DA  A N9    1 
ATOM   71  C  C8    . DA  A 1 4  ? 5.335   6.019   4.228   1.00 42.72  ? 4    DA  A C8    1 
ATOM   72  N  N7    . DA  A 1 4  ? 5.735   4.793   3.946   1.00 44.70  ? 4    DA  A N7    1 
ATOM   73  C  C5    . DA  A 1 4  ? 6.141   4.872   2.622   1.00 39.21  ? 4    DA  A C5    1 
ATOM   74  C  C6    . DA  A 1 4  ? 6.666   3.905   1.751   1.00 47.98  ? 4    DA  A C6    1 
ATOM   75  N  N6    . DA  A 1 4  ? 6.874   2.631   2.097   1.00 55.58  ? 4    DA  A N6    1 
ATOM   76  N  N1    . DA  A 1 4  ? 6.968   4.307   0.498   1.00 51.27  ? 4    DA  A N1    1 
ATOM   77  C  C2    . DA  A 1 4  ? 6.757   5.584   0.159   1.00 49.19  ? 4    DA  A C2    1 
ATOM   78  N  N3    . DA  A 1 4  ? 6.270   6.587   0.883   1.00 50.06  ? 4    DA  A N3    1 
ATOM   79  C  C4    . DA  A 1 4  ? 5.975   6.161   2.129   1.00 44.84  ? 4    DA  A C4    1 
ATOM   80  P  P     . DT  A 1 5  ? 2.323   11.182  3.231   1.00 56.65  ? 5    DT  A P     1 
ATOM   81  O  OP1   . DT  A 1 5  ? 1.957   12.598  3.493   1.00 60.91  ? 5    DT  A OP1   1 
ATOM   82  O  OP2   . DT  A 1 5  ? 1.491   10.098  3.840   1.00 40.41  ? 5    DT  A OP2   1 
ATOM   83  O  "O5'" . DT  A 1 5  ? 2.284   10.946  1.656   1.00 42.74  ? 5    DT  A "O5'" 1 
ATOM   84  C  "C5'" . DT  A 1 5  ? 3.401   11.167  0.815   1.00 53.67  ? 5    DT  A "C5'" 1 
ATOM   85  C  "C4'" . DT  A 1 5  ? 3.303   10.239  -0.372  1.00 58.86  ? 5    DT  A "C4'" 1 
ATOM   86  O  "O4'" . DT  A 1 5  ? 3.649   8.897   0.050   1.00 53.49  ? 5    DT  A "O4'" 1 
ATOM   87  C  "C3'" . DT  A 1 5  ? 1.931   10.096  -1.025  1.00 59.86  ? 5    DT  A "C3'" 1 
ATOM   88  O  "O3'" . DT  A 1 5  ? 2.109   10.202  -2.431  1.00 49.04  ? 5    DT  A "O3'" 1 
ATOM   89  C  "C2'" . DT  A 1 5  ? 1.427   8.747   -0.538  1.00 56.13  ? 5    DT  A "C2'" 1 
ATOM   90  C  "C1'" . DT  A 1 5  ? 2.711   7.969   -0.538  1.00 43.77  ? 5    DT  A "C1'" 1 
ATOM   91  N  N1    . DT  A 1 5  ? 2.788   6.722   0.259   1.00 42.56  ? 5    DT  A N1    1 
ATOM   92  C  C2    . DT  A 1 5  ? 3.334   5.626   -0.383  1.00 47.93  ? 5    DT  A C2    1 
ATOM   93  O  O2    . DT  A 1 5  ? 3.720   5.680   -1.540  1.00 66.25  ? 5    DT  A O2    1 
ATOM   94  N  N3    . DT  A 1 5  ? 3.407   4.484   0.363   1.00 48.43  ? 5    DT  A N3    1 
ATOM   95  C  C4    . DT  A 1 5  ? 2.999   4.329   1.673   1.00 44.53  ? 5    DT  A C4    1 
ATOM   96  O  O4    . DT  A 1 5  ? 3.141   3.223   2.182   1.00 41.84  ? 5    DT  A O4    1 
ATOM   97  C  C5    . DT  A 1 5  ? 2.442   5.506   2.291   1.00 56.99  ? 5    DT  A C5    1 
ATOM   98  C  C7    . DT  A 1 5  ? 1.970   5.437   3.711   1.00 63.12  ? 5    DT  A C7    1 
ATOM   99  C  C6    . DT  A 1 5  ? 2.369   6.632   1.563   1.00 54.71  ? 5    DT  A C6    1 
ATOM   100 P  P     . DA  A 1 6  ? 0.910   10.600  -3.420  1.00 54.53  ? 6    DA  A P     1 
ATOM   101 O  OP1   . DA  A 1 6  ? 1.360   11.647  -4.376  1.00 69.14  ? 6    DA  A OP1   1 
ATOM   102 O  OP2   . DA  A 1 6  ? -0.333  10.837  -2.634  1.00 53.07  ? 6    DA  A OP2   1 
ATOM   103 O  "O5'" . DA  A 1 6  ? 0.700   9.254   -4.264  1.00 49.11  ? 6    DA  A "O5'" 1 
ATOM   104 C  "C5'" . DA  A 1 6  ? 1.769   8.801   -5.097  1.00 51.43  ? 6    DA  A "C5'" 1 
ATOM   105 C  "C4'" . DA  A 1 6  ? 1.678   7.317   -5.351  1.00 44.02  ? 6    DA  A "C4'" 1 
ATOM   106 O  "O4'" . DA  A 1 6  ? 1.761   6.602   -4.098  1.00 46.38  ? 6    DA  A "O4'" 1 
ATOM   107 C  "C3'" . DA  A 1 6  ? 0.382   6.820   -5.990  1.00 42.17  ? 6    DA  A "C3'" 1 
ATOM   108 O  "O3'" . DA  A 1 6  ? 0.712   6.229   -7.237  1.00 45.56  ? 6    DA  A "O3'" 1 
ATOM   109 C  "C2'" . DA  A 1 6  ? -0.215  5.825   -5.027  1.00 47.06  ? 6    DA  A "C2'" 1 
ATOM   110 C  "C1'" . DA  A 1 6  ? 0.994   5.389   -4.233  1.00 42.07  ? 6    DA  A "C1'" 1 
ATOM   111 N  N9    . DA  A 1 6  ? 0.688   4.853   -2.915  1.00 43.16  ? 6    DA  A N9    1 
ATOM   112 C  C8    . DA  A 1 6  ? 0.199   5.617   -1.891  1.00 45.97  ? 6    DA  A C8    1 
ATOM   113 N  N7    . DA  A 1 6  ? -0.002  4.927   -0.790  1.00 45.40  ? 6    DA  A N7    1 
ATOM   114 C  C5    . DA  A 1 6  ? 0.390   3.643   -1.152  1.00 39.72  ? 6    DA  A C5    1 
ATOM   115 C  C6    . DA  A 1 6  ? 0.410   2.452   -0.408  1.00 30.96  ? 6    DA  A C6    1 
ATOM   116 N  N6    . DA  A 1 6  ? 0.015   2.418   0.855   1.00 29.26  ? 6    DA  A N6    1 
ATOM   117 N  N1    . DA  A 1 6  ? 0.844   1.345   -1.024  1.00 38.40  ? 6    DA  A N1    1 
ATOM   118 C  C2    . DA  A 1 6  ? 1.232   1.427   -2.301  1.00 48.32  ? 6    DA  A C2    1 
ATOM   119 N  N3    . DA  A 1 6  ? 1.262   2.483   -3.109  1.00 52.73  ? 6    DA  A N3    1 
ATOM   120 C  C4    . DA  A 1 6  ? 0.822   3.579   -2.463  1.00 45.33  ? 6    DA  A C4    1 
ATOM   121 P  P     . DT  A 1 7  ? -0.382  6.057   -8.398  1.00 41.06  ? 7    DT  A P     1 
ATOM   122 O  OP1   . DT  A 1 7  ? 0.300   6.149   -9.718  1.00 43.69  ? 7    DT  A OP1   1 
ATOM   123 O  OP2   . DT  A 1 7  ? -1.549  6.936   -8.122  1.00 49.94  ? 7    DT  A OP2   1 
ATOM   124 O  "O5'" . DT  A 1 7  ? -0.850  4.540   -8.206  1.00 47.21  ? 7    DT  A "O5'" 1 
ATOM   125 C  "C5'" . DT  A 1 7  ? 0.113   3.515   -8.465  1.00 55.58  ? 7    DT  A "C5'" 1 
ATOM   126 C  "C4'" . DT  A 1 7  ? -0.299  2.225   -7.810  1.00 51.13  ? 7    DT  A "C4'" 1 
ATOM   127 O  "O4'" . DT  A 1 7  ? -0.446  2.371   -6.382  1.00 42.54  ? 7    DT  A "O4'" 1 
ATOM   128 C  "C3'" . DT  A 1 7  ? -1.661  1.688   -8.258  1.00 52.13  ? 7    DT  A "C3'" 1 
ATOM   129 O  "O3'" . DT  A 1 7  ? -1.396  0.727   -9.271  1.00 55.63  ? 7    DT  A "O3'" 1 
ATOM   130 C  "C2'" . DT  A 1 7  ? -2.316  1.129   -7.023  1.00 48.85  ? 7    DT  A "C2'" 1 
ATOM   131 C  "C1'" . DT  A 1 7  ? -1.266  1.273   -5.945  1.00 41.09  ? 7    DT  A "C1'" 1 
ATOM   132 N  N1    . DT  A 1 7  ? -1.754  1.581   -4.579  1.00 43.89  ? 7    DT  A N1    1 
ATOM   133 C  C2    . DT  A 1 7  ? -1.660  0.579   -3.638  1.00 56.06  ? 7    DT  A C2    1 
ATOM   134 O  O2    . DT  A 1 7  ? -1.199  -0.519  -3.911  1.00 63.89  ? 7    DT  A O2    1 
ATOM   135 N  N3    . DT  A 1 7  ? -2.123  0.917   -2.387  1.00 48.17  ? 7    DT  A N3    1 
ATOM   136 C  C4    . DT  A 1 7  ? -2.658  2.126   -1.985  1.00 43.24  ? 7    DT  A C4    1 
ATOM   137 O  O4    . DT  A 1 7  ? -3.037  2.294   -0.825  1.00 45.98  ? 7    DT  A O4    1 
ATOM   138 C  C5    . DT  A 1 7  ? -2.724  3.129   -3.021  1.00 41.87  ? 7    DT  A C5    1 
ATOM   139 C  C7    . DT  A 1 7  ? -3.282  4.487   -2.725  1.00 55.45  ? 7    DT  A C7    1 
ATOM   140 C  C6    . DT  A 1 7  ? -2.275  2.805   -4.237  1.00 45.85  ? 7    DT  A C6    1 
ATOM   141 P  P     . DT  A 1 8  ? -2.596  -0.126  -9.910  1.00 53.88  ? 8    DT  A P     1 
ATOM   142 O  OP1   . DT  A 1 8  ? -2.073  -0.889  -11.071 1.00 51.70  ? 8    DT  A OP1   1 
ATOM   143 O  OP2   . DT  A 1 8  ? -3.797  0.731   -10.074 1.00 67.19  ? 8    DT  A OP2   1 
ATOM   144 O  "O5'" . DT  A 1 8  ? -2.908  -1.190  -8.746  1.00 59.50  ? 8    DT  A "O5'" 1 
ATOM   145 C  "C5'" . DT  A 1 8  ? -1.845  -2.098  -8.438  1.00 59.40  ? 8    DT  A "C5'" 1 
ATOM   146 C  "C4'" . DT  A 1 8  ? -2.241  -3.193  -7.487  1.00 46.48  ? 8    DT  A "C4'" 1 
ATOM   147 O  "O4'" . DT  A 1 8  ? -2.549  -2.595  -6.211  1.00 45.50  ? 8    DT  A "O4'" 1 
ATOM   148 C  "C3'" . DT  A 1 8  ? -3.480  -4.003  -7.858  1.00 38.89  ? 8    DT  A "C3'" 1 
ATOM   149 O  "O3'" . DT  A 1 8  ? -3.125  -5.380  -7.780  1.00 49.63  ? 8    DT  A "O3'" 1 
ATOM   150 C  "C2'" . DT  A 1 8  ? -4.554  -3.583  -6.879  1.00 35.78  ? 8    DT  A "C2'" 1 
ATOM   151 C  "C1'" . DT  A 1 8  ? -3.756  -3.185  -5.674  1.00 41.59  ? 8    DT  A "C1'" 1 
ATOM   152 N  N1    . DT  A 1 8  ? -4.339  -2.175  -4.753  1.00 44.77  ? 8    DT  A N1    1 
ATOM   153 C  C2    . DT  A 1 8  ? -4.597  -2.574  -3.465  1.00 57.14  ? 8    DT  A C2    1 
ATOM   154 O  O2    . DT  A 1 8  ? -4.395  -3.692  -3.024  1.00 69.13  ? 8    DT  A O2    1 
ATOM   155 N  N3    . DT  A 1 8  ? -5.126  -1.589  -2.668  1.00 59.44  ? 8    DT  A N3    1 
ATOM   156 C  C4    . DT  A 1 8  ? -5.414  -0.281  -3.005  1.00 48.23  ? 8    DT  A C4    1 
ATOM   157 O  O4    . DT  A 1 8  ? -5.889  0.444   -2.136  1.00 55.48  ? 8    DT  A O4    1 
ATOM   158 C  C5    . DT  A 1 8  ? -5.112  0.068   -4.368  1.00 45.58  ? 8    DT  A C5    1 
ATOM   159 C  C7    . DT  A 1 8  ? -5.369  1.450   -4.885  1.00 49.43  ? 8    DT  A C7    1 
ATOM   160 C  C6    . DT  A 1 8  ? -4.595  -0.882  -5.160  1.00 46.91  ? 8    DT  A C6    1 
ATOM   161 P  P     . DT  A 1 9  ? -4.101  -6.514  -8.372  1.00 61.62  ? 9    DT  A P     1 
ATOM   162 O  OP1   . DT  A 1 9  ? -3.343  -7.418  -9.276  1.00 69.95  ? 9    DT  A OP1   1 
ATOM   163 O  OP2   . DT  A 1 9  ? -5.347  -5.873  -8.880  1.00 68.79  ? 9    DT  A OP2   1 
ATOM   164 O  "O5'" . DT  A 1 9  ? -4.491  -7.348  -7.062  1.00 60.79  ? 9    DT  A "O5'" 1 
ATOM   165 C  "C5'" . DT  A 1 9  ? -3.692  -7.219  -5.892  1.00 59.96  ? 9    DT  A "C5'" 1 
ATOM   166 C  "C4'" . DT  A 1 9  ? -4.429  -7.592  -4.628  1.00 59.75  ? 9    DT  A "C4'" 1 
ATOM   167 O  "O4'" . DT  A 1 9  ? -4.937  -6.389  -3.999  1.00 60.65  ? 9    DT  A "O4'" 1 
ATOM   168 C  "C3'" . DT  A 1 9  ? -5.643  -8.505  -4.783  1.00 57.03  ? 9    DT  A "C3'" 1 
ATOM   169 O  "O3'" . DT  A 1 9  ? -5.430  -9.639  -3.955  1.00 60.22  ? 9    DT  A "O3'" 1 
ATOM   170 C  "C2'" . DT  A 1 9  ? -6.837  -7.680  -4.376  1.00 58.13  ? 9    DT  A "C2'" 1 
ATOM   171 C  "C1'" . DT  A 1 9  ? -6.259  -6.600  -3.496  1.00 53.69  ? 9    DT  A "C1'" 1 
ATOM   172 N  N1    . DT  A 1 9  ? -6.963  -5.287  -3.512  1.00 56.86  ? 9    DT  A N1    1 
ATOM   173 C  C2    . DT  A 1 9  ? -7.222  -4.706  -2.295  1.00 55.74  ? 9    DT  A C2    1 
ATOM   174 O  O2    . DT  A 1 9  ? -6.904  -5.222  -1.242  1.00 48.56  ? 9    DT  A O2    1 
ATOM   175 N  N3    . DT  A 1 9  ? -7.869  -3.494  -2.332  1.00 61.52  ? 9    DT  A N3    1 
ATOM   176 C  C4    . DT  A 1 9  ? -8.269  -2.826  -3.481  1.00 55.82  ? 9    DT  A C4    1 
ATOM   177 O  O4    . DT  A 1 9  ? -8.840  -1.749  -3.344  1.00 78.57  ? 9    DT  A O4    1 
ATOM   178 C  C5    . DT  A 1 9  ? -7.967  -3.489  -4.724  1.00 54.86  ? 9    DT  A C5    1 
ATOM   179 C  C7    . DT  A 1 9  ? -8.352  -2.865  -6.028  1.00 60.00  ? 9    DT  A C7    1 
ATOM   180 C  C6    . DT  A 1 9  ? -7.335  -4.672  -4.688  1.00 56.22  ? 9    DT  A C6    1 
ATOM   181 P  P     . DG  A 1 10 ? -6.103  -11.069 -4.235  1.00 62.47  ? 10   DG  A P     1 
ATOM   182 O  OP1   . DG  A 1 10 ? -5.127  -12.149 -3.908  1.00 95.89  ? 10   DG  A OP1   1 
ATOM   183 O  OP2   . DG  A 1 10 ? -6.769  -11.086 -5.563  1.00 60.49  ? 10   DG  A OP2   1 
ATOM   184 O  "O5'" . DG  A 1 10 ? -7.250  -11.127 -3.118  1.00 47.05  ? 10   DG  A "O5'" 1 
ATOM   185 C  "C5'" . DG  A 1 10 ? -6.900  -10.749 -1.777  1.00 56.02  ? 10   DG  A "C5'" 1 
ATOM   186 C  "C4'" . DG  A 1 10 ? -8.174  -10.496 -1.014  1.00 64.69  ? 10   DG  A "C4'" 1 
ATOM   187 O  "O4'" . DG  A 1 10 ? -8.597  -9.121  -1.219  1.00 66.89  ? 10   DG  A "O4'" 1 
ATOM   188 C  "C3'" . DG  A 1 10 ? -9.377  -11.338 -1.431  1.00 63.14  ? 10   DG  A "C3'" 1 
ATOM   189 O  "O3'" . DG  A 1 10 ? -10.214 -11.574 -0.329  1.00 71.34  ? 10   DG  A "O3'" 1 
ATOM   190 C  "C2'" . DG  A 1 10 ? -10.039 -10.466 -2.487  1.00 59.58  ? 10   DG  A "C2'" 1 
ATOM   191 C  "C1'" . DG  A 1 10 ? -9.928  -9.142  -1.754  1.00 66.08  ? 10   DG  A "C1'" 1 
ATOM   192 N  N9    . DG  A 1 10 ? -10.185 -7.996  -2.640  1.00 61.37  ? 10   DG  A N9    1 
ATOM   193 C  C8    . DG  A 1 10 ? -10.189 -7.849  -3.991  1.00 59.47  ? 10   DG  A C8    1 
ATOM   194 N  N7    . DG  A 1 10 ? -10.477 -6.622  -4.372  1.00 62.69  ? 10   DG  A N7    1 
ATOM   195 C  C5    . DG  A 1 10 ? -10.679 -5.909  -3.199  1.00 56.75  ? 10   DG  A C5    1 
ATOM   196 C  C6    . DG  A 1 10 ? -11.015 -4.561  -2.919  1.00 55.21  ? 10   DG  A C6    1 
ATOM   197 O  O6    . DG  A 1 10 ? -11.228 -3.605  -3.678  1.00 60.81  ? 10   DG  A O6    1 
ATOM   198 N  N1    . DG  A 1 10 ? -11.108 -4.313  -1.547  1.00 51.26  ? 10   DG  A N1    1 
ATOM   199 C  C2    . DG  A 1 10 ? -10.904 -5.253  -0.569  1.00 44.12  ? 10   DG  A C2    1 
ATOM   200 N  N2    . DG  A 1 10 ? -11.030 -4.864  0.701   1.00 29.48  ? 10   DG  A N2    1 
ATOM   201 N  N3    . DG  A 1 10 ? -10.592 -6.513  -0.803  1.00 47.66  ? 10   DG  A N3    1 
ATOM   202 C  C4    . DG  A 1 10 ? -10.502 -6.746  -2.125  1.00 52.87  ? 10   DG  A C4    1 
ATOM   203 P  P     . DC  A 1 11 ? -10.723 -13.005 0.183   1.00 67.66  ? 11   DC  A P     1 
ATOM   204 O  OP1   . DC  A 1 11 ? -9.573  -13.934 0.327   1.00 72.25  ? 11   DC  A OP1   1 
ATOM   205 O  OP2   . DC  A 1 11 ? -11.900 -13.425 -0.622  1.00 62.08  ? 11   DC  A OP2   1 
ATOM   206 O  "O5'" . DC  A 1 11 ? -11.250 -12.665 1.663   1.00 68.19  ? 11   DC  A "O5'" 1 
ATOM   207 C  "C5'" . DC  A 1 11 ? -10.336 -12.033 2.553   1.00 74.75  ? 11   DC  A "C5'" 1 
ATOM   208 C  "C4'" . DC  A 1 11 ? -10.933 -10.947 3.407   1.00 75.72  ? 11   DC  A "C4'" 1 
ATOM   209 O  "O4'" . DC  A 1 11 ? -11.166 -9.739  2.639   1.00 71.51  ? 11   DC  A "O4'" 1 
ATOM   210 C  "C3'" . DC  A 1 11 ? -12.293 -11.282 4.026   1.00 76.80  ? 11   DC  A "C3'" 1 
ATOM   211 O  "O3'" . DC  A 1 11 ? -12.266 -10.860 5.381   1.00 83.31  ? 11   DC  A "O3'" 1 
ATOM   212 C  "C2'" . DC  A 1 11 ? -13.295 -10.552 3.171   1.00 74.22  ? 11   DC  A "C2'" 1 
ATOM   213 C  "C1'" . DC  A 1 11 ? -12.533 -9.327  2.718   1.00 61.78  ? 11   DC  A "C1'" 1 
ATOM   214 N  N1    . DC  A 1 11 ? -12.993 -8.799  1.404   1.00 48.51  ? 11   DC  A N1    1 
ATOM   215 C  C2    . DC  A 1 11 ? -13.511 -7.507  1.343   1.00 45.48  ? 11   DC  A C2    1 
ATOM   216 O  O2    . DC  A 1 11 ? -13.605 -6.789  2.353   1.00 43.21  ? 11   DC  A O2    1 
ATOM   217 N  N3    . DC  A 1 11 ? -13.926 -7.030  0.142   1.00 34.28  ? 11   DC  A N3    1 
ATOM   218 C  C4    . DC  A 1 11 ? -13.838 -7.774  -0.956  1.00 39.24  ? 11   DC  A C4    1 
ATOM   219 N  N4    . DC  A 1 11 ? -14.258 -7.259  -2.109  1.00 48.35  ? 11   DC  A N4    1 
ATOM   220 C  C5    . DC  A 1 11 ? -13.309 -9.097  -0.926  1.00 50.66  ? 11   DC  A C5    1 
ATOM   221 C  C6    . DC  A 1 11 ? -12.904 -9.557  0.264   1.00 50.35  ? 11   DC  A C6    1 
ATOM   222 P  P     . DG  A 1 12 ? -13.506 -11.081 6.378   1.00 83.66  ? 12   DG  A P     1 
ATOM   223 O  OP1   . DG  A 1 12 ? -13.064 -10.810 7.774   1.00 95.63  ? 12   DG  A OP1   1 
ATOM   224 O  OP2   . DG  A 1 12 ? -14.172 -12.374 6.070   1.00 89.01  ? 12   DG  A OP2   1 
ATOM   225 O  "O5'" . DG  A 1 12 ? -14.509 -9.905  5.965   1.00 72.88  ? 12   DG  A "O5'" 1 
ATOM   226 C  "C5'" . DG  A 1 12 ? -14.282 -8.601  6.527   1.00 64.83  ? 12   DG  A "C5'" 1 
ATOM   227 C  "C4'" . DG  A 1 12 ? -15.605 -7.890  6.671   1.00 59.28  ? 12   DG  A "C4'" 1 
ATOM   228 O  "O4'" . DG  A 1 12 ? -16.017 -7.389  5.377   1.00 48.77  ? 12   DG  A "O4'" 1 
ATOM   229 C  "C3'" . DG  A 1 12 ? -16.758 -8.757  7.158   1.00 58.32  ? 12   DG  A "C3'" 1 
ATOM   230 O  "O3'" . DG  A 1 12 ? -17.649 -8.017  7.982   1.00 66.14  ? 12   DG  A "O3'" 1 
ATOM   231 C  "C2'" . DG  A 1 12 ? -17.412 -9.231  5.875   1.00 57.70  ? 12   DG  A "C2'" 1 
ATOM   232 C  "C1'" . DG  A 1 12 ? -17.179 -8.070  4.922   1.00 44.38  ? 12   DG  A "C1'" 1 
ATOM   233 N  N9    . DG  A 1 12 ? -17.013 -8.558  3.538   1.00 39.34  ? 12   DG  A N9    1 
ATOM   234 C  C8    . DG  A 1 12 ? -16.656 -9.796  3.073   1.00 43.26  ? 12   DG  A C8    1 
ATOM   235 N  N7    . DG  A 1 12 ? -16.612 -9.854  1.770   1.00 45.66  ? 12   DG  A N7    1 
ATOM   236 C  C5    . DG  A 1 12 ? -16.961 -8.575  1.356   1.00 48.81  ? 12   DG  A C5    1 
ATOM   237 C  C6    . DG  A 1 12 ? -17.085 -8.037  0.049   1.00 62.01  ? 12   DG  A C6    1 
ATOM   238 O  O6    . DG  A 1 12 ? -16.899 -8.618  -1.031  1.00 66.82  ? 12   DG  A O6    1 
ATOM   239 N  N1    . DG  A 1 12 ? -17.461 -6.700  0.088   1.00 65.81  ? 12   DG  A N1    1 
ATOM   240 C  C2    . DG  A 1 12 ? -17.690 -5.971  1.231   1.00 65.82  ? 12   DG  A C2    1 
ATOM   241 N  N2    . DG  A 1 12 ? -18.047 -4.689  1.052   1.00 75.94  ? 12   DG  A N2    1 
ATOM   242 N  N3    . DG  A 1 12 ? -17.579 -6.460  2.457   1.00 61.56  ? 12   DG  A N3    1 
ATOM   243 C  C4    . DG  A 1 12 ? -17.213 -7.762  2.436   1.00 53.28  ? 12   DG  A C4    1 
ATOM   244 O  "O5'" . DC  B 2 1  ? -21.766 -2.281  -7.494  1.00 73.81  ? 13   DC  B "O5'" 1 
ATOM   245 C  "C5'" . DC  B 2 1  ? -20.496 -1.725  -7.164  1.00 65.10  ? 13   DC  B "C5'" 1 
ATOM   246 C  "C4'" . DC  B 2 1  ? -20.448 -1.261  -5.728  1.00 66.82  ? 13   DC  B "C4'" 1 
ATOM   247 O  "O4'" . DC  B 2 1  ? -20.330 -2.388  -4.825  1.00 68.27  ? 13   DC  B "O4'" 1 
ATOM   248 C  "C3'" . DC  B 2 1  ? -19.265 -0.351  -5.414  1.00 68.18  ? 13   DC  B "C3'" 1 
ATOM   249 O  "O3'" . DC  B 2 1  ? -19.666 0.776   -4.638  1.00 78.80  ? 13   DC  B "O3'" 1 
ATOM   250 C  "C2'" . DC  B 2 1  ? -18.300 -1.217  -4.649  1.00 65.81  ? 13   DC  B "C2'" 1 
ATOM   251 C  "C1'" . DC  B 2 1  ? -19.174 -2.276  -4.004  1.00 66.80  ? 13   DC  B "C1'" 1 
ATOM   252 N  N1    . DC  B 2 1  ? -18.467 -3.586  -3.883  1.00 62.20  ? 13   DC  B N1    1 
ATOM   253 C  C2    . DC  B 2 1  ? -18.324 -4.158  -2.628  1.00 58.86  ? 13   DC  B C2    1 
ATOM   254 O  O2    . DC  B 2 1  ? -18.768 -3.606  -1.611  1.00 56.80  ? 13   DC  B O2    1 
ATOM   255 N  N3    . DC  B 2 1  ? -17.681 -5.352  -2.522  1.00 67.05  ? 13   DC  B N3    1 
ATOM   256 C  C4    . DC  B 2 1  ? -17.200 -5.952  -3.609  1.00 70.74  ? 13   DC  B C4    1 
ATOM   257 N  N4    . DC  B 2 1  ? -16.571 -7.123  -3.482  1.00 64.54  ? 13   DC  B N4    1 
ATOM   258 C  C5    . DC  B 2 1  ? -17.334 -5.389  -4.912  1.00 68.86  ? 13   DC  B C5    1 
ATOM   259 C  C6    . DC  B 2 1  ? -17.968 -4.217  -4.994  1.00 69.43  ? 13   DC  B C6    1 
ATOM   260 P  P     . DG  B 2 2  ? -18.746 2.096   -4.640  1.00 84.22  ? 14   DG  B P     1 
ATOM   261 O  OP1   . DG  B 2 2  ? -19.555 3.256   -5.109  1.00 111.14 ? 14   DG  B OP1   1 
ATOM   262 O  OP2   . DG  B 2 2  ? -17.459 1.799   -5.325  1.00 78.97  ? 14   DG  B OP2   1 
ATOM   263 O  "O5'" . DG  B 2 2  ? -18.426 2.324   -3.089  1.00 81.16  ? 14   DG  B "O5'" 1 
ATOM   264 C  "C5'" . DG  B 2 2  ? -19.269 1.795   -2.071  1.00 73.20  ? 14   DG  B "C5'" 1 
ATOM   265 C  "C4'" . DG  B 2 2  ? -18.542 1.618   -0.761  1.00 65.60  ? 14   DG  B "C4'" 1 
ATOM   266 O  "O4'" . DG  B 2 2  ? -18.001 0.279   -0.684  1.00 67.42  ? 14   DG  B "O4'" 1 
ATOM   267 C  "C3'" . DG  B 2 2  ? -17.347 2.541   -0.524  1.00 63.42  ? 14   DG  B "C3'" 1 
ATOM   268 O  "O3'" . DG  B 2 2  ? -17.358 2.986   0.824   1.00 57.06  ? 14   DG  B "O3'" 1 
ATOM   269 C  "C2'" . DG  B 2 2  ? -16.133 1.707   -0.850  1.00 61.93  ? 14   DG  B "C2'" 1 
ATOM   270 C  "C1'" . DG  B 2 2  ? -16.583 0.298   -0.529  1.00 63.35  ? 14   DG  B "C1'" 1 
ATOM   271 N  N9    . DG  B 2 2  ? -15.932 -0.682  -1.425  1.00 52.24  ? 14   DG  B N9    1 
ATOM   272 C  C8    . DG  B 2 2  ? -15.667 -0.612  -2.764  1.00 46.13  ? 14   DG  B C8    1 
ATOM   273 N  N7    . DG  B 2 2  ? -15.074 -1.676  -3.225  1.00 50.52  ? 14   DG  B N7    1 
ATOM   274 C  C5    . DG  B 2 2  ? -14.940 -2.501  -2.120  1.00 47.88  ? 14   DG  B C5    1 
ATOM   275 C  C6    . DG  B 2 2  ? -14.368 -3.794  -2.011  1.00 56.82  ? 14   DG  B C6    1 
ATOM   276 O  O6    . DG  B 2 2  ? -13.851 -4.488  -2.896  1.00 59.32  ? 14   DG  B O6    1 
ATOM   277 N  N1    . DG  B 2 2  ? -14.436 -4.271  -0.706  1.00 52.72  ? 14   DG  B N1    1 
ATOM   278 C  C2    . DG  B 2 2  ? -14.982 -3.600  0.353   1.00 43.96  ? 14   DG  B C2    1 
ATOM   279 N  N2    . DG  B 2 2  ? -14.942 -4.248  1.525   1.00 42.69  ? 14   DG  B N2    1 
ATOM   280 N  N3    . DG  B 2 2  ? -15.517 -2.393  0.262   1.00 47.83  ? 14   DG  B N3    1 
ATOM   281 C  C4    . DG  B 2 2  ? -15.464 -1.903  -0.996  1.00 49.56  ? 14   DG  B C4    1 
ATOM   282 P  P     . DC  B 2 3  ? -16.353 4.108   1.372   1.00 55.71  ? 15   DC  B P     1 
ATOM   283 O  OP1   . DC  B 2 3  ? -17.060 4.980   2.353   1.00 67.33  ? 15   DC  B OP1   1 
ATOM   284 O  OP2   . DC  B 2 3  ? -15.635 4.744   0.236   1.00 52.01  ? 15   DC  B OP2   1 
ATOM   285 O  "O5'" . DC  B 2 3  ? -15.286 3.245   2.200   1.00 55.18  ? 15   DC  B "O5'" 1 
ATOM   286 C  "C5'" . DC  B 2 3  ? -15.707 2.613   3.412   1.00 54.80  ? 15   DC  B "C5'" 1 
ATOM   287 C  "C4'" . DC  B 2 3  ? -14.784 1.482   3.798   1.00 44.40  ? 15   DC  B "C4'" 1 
ATOM   288 O  "O4'" . DC  B 2 3  ? -14.689 0.561   2.689   1.00 45.61  ? 15   DC  B "O4'" 1 
ATOM   289 C  "C3'" . DC  B 2 3  ? -13.347 1.868   4.102   1.00 43.56  ? 15   DC  B "C3'" 1 
ATOM   290 O  "O3'" . DC  B 2 3  ? -13.128 2.108   5.500   1.00 44.83  ? 15   DC  B "O3'" 1 
ATOM   291 C  "C2'" . DC  B 2 3  ? -12.529 0.692   3.621   1.00 49.77  ? 15   DC  B "C2'" 1 
ATOM   292 C  "C1'" . DC  B 2 3  ? -13.437 -0.126  2.730   1.00 44.84  ? 15   DC  B "C1'" 1 
ATOM   293 N  N1    . DC  B 2 3  ? -12.890 -0.302  1.351   1.00 46.85  ? 15   DC  B N1    1 
ATOM   294 C  C2    . DC  B 2 3  ? -12.280 -1.510  1.025   1.00 46.48  ? 15   DC  B C2    1 
ATOM   295 O  O2    . DC  B 2 3  ? -12.191 -2.418  1.861   1.00 64.52  ? 15   DC  B O2    1 
ATOM   296 N  N3    . DC  B 2 3  ? -11.773 -1.703  -0.222  1.00 48.51  ? 15   DC  B N3    1 
ATOM   297 C  C4    . DC  B 2 3  ? -11.866 -0.727  -1.129  1.00 57.15  ? 15   DC  B C4    1 
ATOM   298 N  N4    . DC  B 2 3  ? -11.358 -0.943  -2.350  1.00 56.44  ? 15   DC  B N4    1 
ATOM   299 C  C5    . DC  B 2 3  ? -12.486 0.520   -0.827  1.00 51.78  ? 15   DC  B C5    1 
ATOM   300 C  C6    . DC  B 2 3  ? -12.978 0.686   0.410   1.00 50.67  ? 15   DC  B C6    1 
ATOM   301 P  P     . DA  B 2 4  ? -11.672 2.668   5.918   1.00 59.04  ? 16   DA  B P     1 
ATOM   302 O  OP1   . DA  B 2 4  ? -11.747 3.355   7.237   1.00 57.38  ? 16   DA  B OP1   1 
ATOM   303 O  OP2   . DA  B 2 4  ? -11.085 3.396   4.762   1.00 44.04  ? 16   DA  B OP2   1 
ATOM   304 O  "O5'" . DA  B 2 4  ? -10.843 1.318   6.133   1.00 66.59  ? 16   DA  B "O5'" 1 
ATOM   305 C  "C5'" . DA  B 2 4  ? -11.306 0.404   7.134   1.00 68.44  ? 16   DA  B "C5'" 1 
ATOM   306 C  "C4'" . DA  B 2 4  ? -10.456 -0.837  7.170   1.00 68.06  ? 16   DA  B "C4'" 1 
ATOM   307 O  "O4'" . DA  B 2 4  ? -10.323 -1.403  5.840   1.00 64.10  ? 16   DA  B "O4'" 1 
ATOM   308 C  "C3'" . DA  B 2 4  ? -9.012  -0.653  7.617   1.00 64.58  ? 16   DA  B "C3'" 1 
ATOM   309 O  "O3'" . DA  B 2 4  ? -8.536  -1.849  8.217   1.00 65.39  ? 16   DA  B "O3'" 1 
ATOM   310 C  "C2'" . DA  B 2 4  ? -8.299  -0.311  6.330   1.00 60.03  ? 16   DA  B "C2'" 1 
ATOM   311 C  "C1'" . DA  B 2 4  ? -8.977  -1.274  5.366   1.00 56.06  ? 16   DA  B "C1'" 1 
ATOM   312 N  N9    . DA  B 2 4  ? -8.969  -0.800  3.985   1.00 51.28  ? 16   DA  B N9    1 
ATOM   313 C  C8    . DA  B 2 4  ? -9.135  0.495   3.614   1.00 47.60  ? 16   DA  B C8    1 
ATOM   314 N  N7    . DA  B 2 4  ? -9.089  0.662   2.312   1.00 55.86  ? 16   DA  B N7    1 
ATOM   315 C  C5    . DA  B 2 4  ? -8.879  -0.622  1.817   1.00 51.15  ? 16   DA  B C5    1 
ATOM   316 C  C6    . DA  B 2 4  ? -8.737  -1.117  0.515   1.00 45.73  ? 16   DA  B C6    1 
ATOM   317 N  N6    . DA  B 2 4  ? -8.788  -0.350  -0.575  1.00 43.76  ? 16   DA  B N6    1 
ATOM   318 N  N1    . DA  B 2 4  ? -8.539  -2.446  0.359   1.00 54.07  ? 16   DA  B N1    1 
ATOM   319 C  C2    . DA  B 2 4  ? -8.489  -3.205  1.461   1.00 43.02  ? 16   DA  B C2    1 
ATOM   320 N  N3    . DA  B 2 4  ? -8.608  -2.861  2.739   1.00 42.74  ? 16   DA  B N3    1 
ATOM   321 C  C4    . DA  B 2 4  ? -8.803  -1.540  2.853   1.00 50.33  ? 16   DA  B C4    1 
ATOM   322 P  P     . DA  B 2 5  ? -6.970  -1.991  8.552   1.00 64.82  ? 17   DA  B P     1 
ATOM   323 O  OP1   . DA  B 2 5  ? -6.808  -2.596  9.900   1.00 72.49  ? 17   DA  B OP1   1 
ATOM   324 O  OP2   . DA  B 2 5  ? -6.293  -0.699  8.252   1.00 64.45  ? 17   DA  B OP2   1 
ATOM   325 O  "O5'" . DA  B 2 5  ? -6.462  -3.058  7.477   1.00 65.73  ? 17   DA  B "O5'" 1 
ATOM   326 C  "C5'" . DA  B 2 5  ? -7.178  -4.276  7.279   1.00 65.43  ? 17   DA  B "C5'" 1 
ATOM   327 C  "C4'" . DA  B 2 5  ? -6.464  -5.138  6.267   1.00 66.16  ? 17   DA  B "C4'" 1 
ATOM   328 O  "O4'" . DA  B 2 5  ? -6.560  -4.549  4.951   1.00 62.09  ? 17   DA  B "O4'" 1 
ATOM   329 C  "C3'" . DA  B 2 5  ? -4.969  -5.318  6.506   1.00 69.67  ? 17   DA  B "C3'" 1 
ATOM   330 O  "O3'" . DA  B 2 5  ? -4.564  -6.635  6.144   1.00 73.29  ? 17   DA  B "O3'" 1 
ATOM   331 C  "C2'" . DA  B 2 5  ? -4.339  -4.250  5.643   1.00 67.09  ? 17   DA  B "C2'" 1 
ATOM   332 C  "C1'" . DA  B 2 5  ? -5.263  -4.217  4.439   1.00 59.76  ? 17   DA  B "C1'" 1 
ATOM   333 N  N9    . DA  B 2 5  ? -5.300  -2.913  3.779   1.00 51.57  ? 17   DA  B N9    1 
ATOM   334 C  C8    . DA  B 2 5  ? -5.290  -1.722  4.437   1.00 42.84  ? 17   DA  B C8    1 
ATOM   335 N  N7    . DA  B 2 5  ? -5.331  -0.692  3.618   1.00 46.56  ? 17   DA  B N7    1 
ATOM   336 C  C5    . DA  B 2 5  ? -5.372  -1.276  2.351   1.00 51.08  ? 17   DA  B C5    1 
ATOM   337 C  C6    . DA  B 2 5  ? -5.425  -0.742  1.054   1.00 57.05  ? 17   DA  B C6    1 
ATOM   338 N  N6    . DA  B 2 5  ? -5.449  0.563   0.778   1.00 72.03  ? 17   DA  B N6    1 
ATOM   339 N  N1    . DA  B 2 5  ? -5.455  -1.599  0.011   1.00 60.32  ? 17   DA  B N1    1 
ATOM   340 C  C2    . DA  B 2 5  ? -5.432  -2.914  0.258   1.00 64.43  ? 17   DA  B C2    1 
ATOM   341 N  N3    . DA  B 2 5  ? -5.382  -3.543  1.433   1.00 58.26  ? 17   DA  B N3    1 
ATOM   342 C  C4    . DA  B 2 5  ? -5.353  -2.660  2.445   1.00 48.64  ? 17   DA  B C4    1 
ATOM   343 P  P     . DA  B 2 6  ? -3.088  -7.154  6.520   1.00 74.51  ? 18   DA  B P     1 
ATOM   344 O  OP1   . DA  B 2 6  ? -3.174  -8.542  7.055   1.00 109.93 ? 18   DA  B OP1   1 
ATOM   345 O  OP2   . DA  B 2 6  ? -2.396  -6.118  7.335   1.00 66.82  ? 18   DA  B OP2   1 
ATOM   346 O  "O5'" . DA  B 2 6  ? -2.362  -7.226  5.098   1.00 61.94  ? 18   DA  B "O5'" 1 
ATOM   347 C  "C5'" . DA  B 2 6  ? -3.029  -7.804  3.982   1.00 58.86  ? 18   DA  B "C5'" 1 
ATOM   348 C  "C4'" . DA  B 2 6  ? -2.258  -7.608  2.698   1.00 57.30  ? 18   DA  B "C4'" 1 
ATOM   349 O  "O4'" . DA  B 2 6  ? -2.573  -6.315  2.128   1.00 55.05  ? 18   DA  B "O4'" 1 
ATOM   350 C  "C3'" . DA  B 2 6  ? -0.735  -7.631  2.826   1.00 61.73  ? 18   DA  B "C3'" 1 
ATOM   351 O  "O3'" . DA  B 2 6  ? -0.217  -8.461  1.799   1.00 71.31  ? 18   DA  B "O3'" 1 
ATOM   352 C  "C2'" . DA  B 2 6  ? -0.315  -6.186  2.709   1.00 57.06  ? 18   DA  B "C2'" 1 
ATOM   353 C  "C1'" . DA  B 2 6  ? -1.377  -5.616  1.780   1.00 57.56  ? 18   DA  B "C1'" 1 
ATOM   354 N  N9    . DA  B 2 6  ? -1.557  -4.175  1.931   1.00 50.61  ? 18   DA  B N9    1 
ATOM   355 C  C8    . DA  B 2 6  ? -1.511  -3.510  3.115   1.00 51.47  ? 18   DA  B C8    1 
ATOM   356 N  N7    . DA  B 2 6  ? -1.705  -2.214  2.986   1.00 48.53  ? 18   DA  B N7    1 
ATOM   357 C  C5    . DA  B 2 6  ? -1.889  -2.052  1.611   1.00 43.92  ? 18   DA  B C5    1 
ATOM   358 C  C6    . DA  B 2 6  ? -2.139  -0.911  0.829   1.00 45.14  ? 18   DA  B C6    1 
ATOM   359 N  N6    . DA  B 2 6  ? -2.248  0.317   1.345   1.00 38.70  ? 18   DA  B N6    1 
ATOM   360 N  N1    . DA  B 2 6  ? -2.273  -1.080  -0.501  1.00 49.97  ? 18   DA  B N1    1 
ATOM   361 C  C2    . DA  B 2 6  ? -2.162  -2.315  -1.005  1.00 57.18  ? 18   DA  B C2    1 
ATOM   362 N  N3    . DA  B 2 6  ? -1.929  -3.468  -0.374  1.00 53.55  ? 18   DA  B N3    1 
ATOM   363 C  C4    . DA  B 2 6  ? -1.801  -3.261  0.949   1.00 42.67  ? 18   DA  B C4    1 
ATOM   364 P  P     . DT  B 2 7  ? 1.306   -8.969  1.743   1.00 70.71  ? 19   DT  B P     1 
ATOM   365 O  OP1   . DT  B 2 7  ? 1.336   -10.451 1.604   1.00 85.48  ? 19   DT  B OP1   1 
ATOM   366 O  OP2   . DT  B 2 7  ? 2.101   -8.330  2.823   1.00 78.30  ? 19   DT  B OP2   1 
ATOM   367 O  "O5'" . DT  B 2 7  ? 1.799   -8.353  0.346   1.00 59.04  ? 19   DT  B "O5'" 1 
ATOM   368 C  "C5'" . DT  B 2 7  ? 0.774   -7.870  -0.533  1.00 56.70  ? 19   DT  B "C5'" 1 
ATOM   369 C  "C4'" . DT  B 2 7  ? 1.328   -6.774  -1.415  1.00 52.96  ? 19   DT  B "C4'" 1 
ATOM   370 O  "O4'" . DT  B 2 7  ? 0.911   -5.490  -0.895  1.00 48.62  ? 19   DT  B "O4'" 1 
ATOM   371 C  "C3'" . DT  B 2 7  ? 2.847   -6.704  -1.504  1.00 54.39  ? 19   DT  B "C3'" 1 
ATOM   372 O  "O3'" . DT  B 2 7  ? 3.235   -7.051  -2.832  1.00 60.96  ? 19   DT  B "O3'" 1 
ATOM   373 C  "C2'" . DT  B 2 7  ? 3.234   -5.291  -1.131  1.00 48.38  ? 19   DT  B "C2'" 1 
ATOM   374 C  "C1'" . DT  B 2 7  ? 1.938   -4.533  -1.219  1.00 41.59  ? 19   DT  B "C1'" 1 
ATOM   375 N  N1    . DT  B 2 7  ? 1.762   -3.388  -0.286  1.00 43.16  ? 19   DT  B N1    1 
ATOM   376 C  C2    . DT  B 2 7  ? 1.500   -2.164  -0.865  1.00 40.79  ? 19   DT  B C2    1 
ATOM   377 O  O2    . DT  B 2 7  ? 1.420   -2.019  -2.071  1.00 40.25  ? 19   DT  B O2    1 
ATOM   378 N  N3    . DT  B 2 7  ? 1.340   -1.142  0.028   1.00 34.21  ? 19   DT  B N3    1 
ATOM   379 C  C4    . DT  B 2 7  ? 1.411   -1.218  1.406   1.00 37.09  ? 19   DT  B C4    1 
ATOM   380 O  O4    . DT  B 2 7  ? 1.242   -0.184  2.043   1.00 46.81  ? 19   DT  B O4    1 
ATOM   381 C  C5    . DT  B 2 7  ? 1.688   -2.530  1.940   1.00 42.32  ? 19   DT  B C5    1 
ATOM   382 C  C7    . DT  B 2 7  ? 1.791   -2.743  3.419   1.00 65.92  ? 19   DT  B C7    1 
ATOM   383 C  C6    . DT  B 2 7  ? 1.846   -3.543  1.081   1.00 40.14  ? 19   DT  B C6    1 
ATOM   384 P  P     . DA  B 2 8  ? 4.697   -6.656  -3.372  1.00 55.32  ? 20   DA  B P     1 
ATOM   385 O  OP1   . DA  B 2 8  ? 5.004   -7.470  -4.580  1.00 54.70  ? 20   DA  B OP1   1 
ATOM   386 O  OP2   . DA  B 2 8  ? 5.660   -6.648  -2.240  1.00 68.90  ? 20   DA  B OP2   1 
ATOM   387 O  "O5'" . DA  B 2 8  ? 4.502   -5.143  -3.851  1.00 57.00  ? 20   DA  B "O5'" 1 
ATOM   388 C  "C5'" . DA  B 2 8  ? 3.809   -4.903  -5.080  1.00 59.13  ? 20   DA  B "C5'" 1 
ATOM   389 C  "C4'" . DA  B 2 8  ? 4.104   -3.505  -5.564  1.00 58.59  ? 20   DA  B "C4'" 1 
ATOM   390 O  "O4'" . DA  B 2 8  ? 3.750   -2.567  -4.523  1.00 43.80  ? 20   DA  B "O4'" 1 
ATOM   391 C  "C3'" . DA  B 2 8  ? 5.563   -3.196  -5.897  1.00 61.21  ? 20   DA  B "C3'" 1 
ATOM   392 O  "O3'" . DA  B 2 8  ? 5.616   -2.410  -7.080  1.00 65.12  ? 20   DA  B "O3'" 1 
ATOM   393 C  "C2'" . DA  B 2 8  ? 6.075   -2.477  -4.669  1.00 61.67  ? 20   DA  B "C2'" 1 
ATOM   394 C  "C1'" . DA  B 2 8  ? 4.851   -1.695  -4.232  1.00 47.52  ? 20   DA  B "C1'" 1 
ATOM   395 N  N9    . DA  B 2 8  ? 4.846   -1.352  -2.817  1.00 46.21  ? 20   DA  B N9    1 
ATOM   396 C  C8    . DA  B 2 8  ? 4.980   -2.257  -1.807  1.00 41.57  ? 20   DA  B C8    1 
ATOM   397 N  N7    . DA  B 2 8  ? 4.940   -1.698  -0.618  1.00 44.35  ? 20   DA  B N7    1 
ATOM   398 C  C5    . DA  B 2 8  ? 4.764   -0.336  -0.889  1.00 52.34  ? 20   DA  B C5    1 
ATOM   399 C  C6    . DA  B 2 8  ? 4.644   0.799   -0.073  1.00 59.06  ? 20   DA  B C6    1 
ATOM   400 N  N6    . DA  B 2 8  ? 4.679   0.789   1.261   1.00 65.86  ? 20   DA  B N6    1 
ATOM   401 N  N1    . DA  B 2 8  ? 4.479   2.004   -0.669  1.00 66.74  ? 20   DA  B N1    1 
ATOM   402 C  C2    . DA  B 2 8  ? 4.442   2.048   -2.002  1.00 64.53  ? 20   DA  B C2    1 
ATOM   403 N  N3    . DA  B 2 8  ? 4.543   1.057   -2.886  1.00 57.89  ? 20   DA  B N3    1 
ATOM   404 C  C4    . DA  B 2 8  ? 4.704   -0.116  -2.258  1.00 53.54  ? 20   DA  B C4    1 
ATOM   405 P  P     . DT  B 2 9  ? 6.999   -2.178  -7.864  1.00 64.91  ? 21   DT  B P     1 
ATOM   406 O  OP1   . DT  B 2 9  ? 6.778   -2.322  -9.329  1.00 62.55  ? 21   DT  B OP1   1 
ATOM   407 O  OP2   . DT  B 2 9  ? 8.079   -2.969  -7.214  1.00 71.87  ? 21   DT  B OP2   1 
ATOM   408 O  "O5'" . DT  B 2 9  ? 7.304   -0.634  -7.580  1.00 64.82  ? 21   DT  B "O5'" 1 
ATOM   409 C  "C5'" . DT  B 2 9  ? 6.208   0.285   -7.634  1.00 56.61  ? 21   DT  B "C5'" 1 
ATOM   410 C  "C4'" . DT  B 2 9  ? 6.664   1.587   -7.018  1.00 53.12  ? 21   DT  B "C4'" 1 
ATOM   411 O  "O4'" . DT  B 2 9  ? 6.549   1.499   -5.578  1.00 49.87  ? 21   DT  B "O4'" 1 
ATOM   412 C  "C3'" . DT  B 2 9  ? 8.110   1.979   -7.293  1.00 53.22  ? 21   DT  B "C3'" 1 
ATOM   413 O  "O3'" . DT  B 2 9  ? 8.082   3.205   -8.012  1.00 53.37  ? 21   DT  B "O3'" 1 
ATOM   414 C  "C2'" . DT  B 2 9  ? 8.774   2.075   -5.937  1.00 51.71  ? 21   DT  B "C2'" 1 
ATOM   415 C  "C1'" . DT  B 2 9  ? 7.609   2.281   -5.002  1.00 50.52  ? 21   DT  B "C1'" 1 
ATOM   416 N  N1    . DT  B 2 9  ? 7.778   1.830   -3.598  1.00 52.86  ? 21   DT  B N1    1 
ATOM   417 C  C2    . DT  B 2 9  ? 7.592   2.784   -2.620  1.00 58.06  ? 21   DT  B C2    1 
ATOM   418 O  O2    . DT  B 2 9  ? 7.311   3.936   -2.898  1.00 61.98  ? 21   DT  B O2    1 
ATOM   419 N  N3    . DT  B 2 9  ? 7.750   2.333   -1.331  1.00 52.33  ? 21   DT  B N3    1 
ATOM   420 C  C4    . DT  B 2 9  ? 8.067   1.044   -0.946  1.00 52.28  ? 21   DT  B C4    1 
ATOM   421 O  O4    . DT  B 2 9  ? 8.179   0.779   0.246   1.00 68.66  ? 21   DT  B O4    1 
ATOM   422 C  C5    . DT  B 2 9  ? 8.245   0.091   -2.018  1.00 56.65  ? 21   DT  B C5    1 
ATOM   423 C  C7    . DT  B 2 9  ? 8.591   -1.331  -1.692  1.00 52.57  ? 21   DT  B C7    1 
ATOM   424 C  C6    . DT  B 2 9  ? 8.092   0.526   -3.278  1.00 53.61  ? 21   DT  B C6    1 
ATOM   425 P  P     . DG  B 2 10 ? 9.308   3.648   -8.953  1.00 61.31  ? 22   DG  B P     1 
ATOM   426 O  OP1   . DG  B 2 10 ? 8.778   4.330   -10.165 1.00 85.49  ? 22   DG  B OP1   1 
ATOM   427 O  OP2   . DG  B 2 10 ? 10.253  2.512   -9.122  1.00 79.54  ? 22   DG  B OP2   1 
ATOM   428 O  "O5'" . DG  B 2 10 ? 10.041  4.755   -8.059  1.00 53.81  ? 22   DG  B "O5'" 1 
ATOM   429 C  "C5'" . DG  B 2 10 ? 9.256   5.786   -7.464  1.00 45.33  ? 22   DG  B "C5'" 1 
ATOM   430 C  "C4'" . DG  B 2 10 ? 10.014  6.474   -6.362  1.00 49.73  ? 22   DG  B "C4'" 1 
ATOM   431 O  "O4'" . DG  B 2 10 ? 9.869   5.710   -5.131  1.00 50.01  ? 22   DG  B "O4'" 1 
ATOM   432 C  "C3'" . DG  B 2 10 ? 11.522  6.616   -6.550  1.00 51.54  ? 22   DG  B "C3'" 1 
ATOM   433 O  "O3'" . DG  B 2 10 ? 11.984  7.833   -6.003  1.00 49.34  ? 22   DG  B "O3'" 1 
ATOM   434 C  "C2'" . DG  B 2 10 ? 12.088  5.418   -5.809  1.00 53.63  ? 22   DG  B "C2'" 1 
ATOM   435 C  "C1'" . DG  B 2 10 ? 11.176  5.489   -4.597  1.00 53.02  ? 22   DG  B "C1'" 1 
ATOM   436 N  N9    . DG  B 2 10 ? 11.246  4.258   -3.795  1.00 54.92  ? 22   DG  B N9    1 
ATOM   437 C  C8    . DG  B 2 10 ? 11.541  2.967   -4.136  1.00 50.56  ? 22   DG  B C8    1 
ATOM   438 N  N7    . DG  B 2 10 ? 11.494  2.153   -3.118  1.00 53.62  ? 22   DG  B N7    1 
ATOM   439 C  C5    . DG  B 2 10 ? 11.148  2.950   -2.030  1.00 52.37  ? 22   DG  B C5    1 
ATOM   440 C  C6    . DG  B 2 10 ? 10.939  2.673   -0.658  1.00 47.00  ? 22   DG  B C6    1 
ATOM   441 O  O6    . DG  B 2 10 ? 11.013  1.606   -0.037  1.00 57.12  ? 22   DG  B O6    1 
ATOM   442 N  N1    . DG  B 2 10 ? 10.599  3.822   0.055   1.00 52.47  ? 22   DG  B N1    1 
ATOM   443 C  C2    . DG  B 2 10 ? 10.476  5.080   -0.480  1.00 43.92  ? 22   DG  B C2    1 
ATOM   444 N  N2    . DG  B 2 10 ? 10.142  6.064   0.358   1.00 41.61  ? 22   DG  B N2    1 
ATOM   445 N  N3    . DG  B 2 10 ? 10.665  5.362   -1.756  1.00 39.76  ? 22   DG  B N3    1 
ATOM   446 C  C4    . DG  B 2 10 ? 10.991  4.253   -2.439  1.00 49.41  ? 22   DG  B C4    1 
ATOM   447 P  P     . DC  B 2 11 ? 13.312  8.566   -6.541  1.00 58.05  ? 23   DC  B P     1 
ATOM   448 O  OP1   . DC  B 2 11 ? 13.191  8.789   -8.003  1.00 53.54  ? 23   DC  B OP1   1 
ATOM   449 O  OP2   . DC  B 2 11 ? 14.519  7.871   -6.012  1.00 90.59  ? 23   DC  B OP2   1 
ATOM   450 O  "O5'" . DC  B 2 11 ? 13.242  9.992   -5.807  1.00 57.55  ? 23   DC  B "O5'" 1 
ATOM   451 C  "C5'" . DC  B 2 11 ? 12.039  10.406  -5.169  1.00 53.00  ? 23   DC  B "C5'" 1 
ATOM   452 C  "C4'" . DC  B 2 11 ? 12.230  10.893  -3.752  1.00 55.17  ? 23   DC  B "C4'" 1 
ATOM   453 O  "O4'" . DC  B 2 11 ? 12.034  9.775   -2.843  1.00 56.96  ? 23   DC  B "O4'" 1 
ATOM   454 C  "C3'" . DC  B 2 11 ? 13.600  11.475  -3.434  1.00 56.60  ? 23   DC  B "C3'" 1 
ATOM   455 O  "O3'" . DC  B 2 11 ? 13.542  12.723  -2.728  1.00 60.32  ? 23   DC  B "O3'" 1 
ATOM   456 C  "C2'" . DC  B 2 11 ? 14.264  10.439  -2.565  1.00 53.22  ? 23   DC  B "C2'" 1 
ATOM   457 C  "C1'" . DC  B 2 11 ? 13.135  9.623   -1.962  1.00 52.03  ? 23   DC  B "C1'" 1 
ATOM   458 N  N1    . DC  B 2 11 ? 13.518  8.186   -1.804  1.00 47.41  ? 23   DC  B N1    1 
ATOM   459 C  C2    . DC  B 2 11 ? 13.354  7.584   -0.564  1.00 45.21  ? 23   DC  B C2    1 
ATOM   460 O  O2    . DC  B 2 11 ? 12.894  8.218   0.404   1.00 40.89  ? 23   DC  B O2    1 
ATOM   461 N  N3    . DC  B 2 11 ? 13.703  6.278   -0.421  1.00 60.65  ? 23   DC  B N3    1 
ATOM   462 C  C4    . DC  B 2 11 ? 14.195  5.603   -1.465  1.00 67.75  ? 23   DC  B C4    1 
ATOM   463 N  N4    . DC  B 2 11 ? 14.536  4.317   -1.314  1.00 50.97  ? 23   DC  B N4    1 
ATOM   464 C  C5    . DC  B 2 11 ? 14.375  6.202   -2.748  1.00 60.94  ? 23   DC  B C5    1 
ATOM   465 C  C6    . DC  B 2 11 ? 14.028  7.482   -2.870  1.00 49.49  ? 23   DC  B C6    1 
ATOM   466 P  P     . DG  B 2 12 ? 14.917  13.536  -2.496  1.00 67.25  ? 24   DG  B P     1 
ATOM   467 O  OP1   . DG  B 2 12 ? 14.655  14.996  -2.626  1.00 94.42  ? 24   DG  B OP1   1 
ATOM   468 O  OP2   . DG  B 2 12 ? 15.989  12.922  -3.326  1.00 61.37  ? 24   DG  B OP2   1 
ATOM   469 O  "O5'" . DG  B 2 12 ? 15.263  13.249  -0.965  1.00 61.38  ? 24   DG  B "O5'" 1 
ATOM   470 C  "C5'" . DG  B 2 12 ? 14.493  13.838  0.088   1.00 60.88  ? 24   DG  B "C5'" 1 
ATOM   471 C  "C4'" . DG  B 2 12 ? 15.037  13.360  1.415   1.00 57.28  ? 24   DG  B "C4'" 1 
ATOM   472 O  "O4'" . DG  B 2 12 ? 14.626  11.992  1.630   1.00 57.36  ? 24   DG  B "O4'" 1 
ATOM   473 C  "C3'" . DG  B 2 12 ? 16.555  13.357  1.520   1.00 60.54  ? 24   DG  B "C3'" 1 
ATOM   474 O  "O3'" . DG  B 2 12 ? 17.047  14.572  2.090   1.00 58.80  ? 24   DG  B "O3'" 1 
ATOM   475 C  "C2'" . DG  B 2 12 ? 16.855  12.163  2.389   1.00 56.91  ? 24   DG  B "C2'" 1 
ATOM   476 C  "C1'" . DG  B 2 12 ? 15.689  11.220  2.179   1.00 58.54  ? 24   DG  B "C1'" 1 
ATOM   477 N  N9    . DG  B 2 12 ? 16.071  10.103  1.285   1.00 40.45  ? 24   DG  B N9    1 
ATOM   478 C  C8    . DG  B 2 12 ? 16.353  10.097  -0.046  1.00 40.65  ? 24   DG  B C8    1 
ATOM   479 N  N7    . DG  B 2 12 ? 16.654  8.909   -0.507  1.00 52.99  ? 24   DG  B N7    1 
ATOM   480 C  C5    . DG  B 2 12 ? 16.564  8.076   0.596   1.00 44.83  ? 24   DG  B C5    1 
ATOM   481 C  C6    . DG  B 2 12 ? 16.778  6.679   0.714   1.00 35.90  ? 24   DG  B C6    1 
ATOM   482 O  O6    . DG  B 2 12 ? 17.101  5.850   -0.139  1.00 43.50  ? 24   DG  B O6    1 
ATOM   483 N  N1    . DG  B 2 12 ? 16.578  6.239   2.015   1.00 30.02  ? 24   DG  B N1    1 
ATOM   484 C  C2    . DG  B 2 12 ? 16.218  7.047   3.061   1.00 39.83  ? 24   DG  B C2    1 
ATOM   485 N  N2    . DG  B 2 12 ? 16.076  6.419   4.236   1.00 50.59  ? 24   DG  B N2    1 
ATOM   486 N  N3    . DG  B 2 12 ? 16.014  8.354   2.966   1.00 44.56  ? 24   DG  B N3    1 
ATOM   487 C  C4    . DG  B 2 12 ? 16.202  8.806   1.711   1.00 38.99  ? 24   DG  B C4    1 
HETATM 488 N  N1    . TBZ C 3 .  ? 5.998   7.410   -2.719  1.00 48.50  ? 25   TBZ B N1    1 
HETATM 489 C  C1    . TBZ C 3 .  ? 5.267   7.107   -3.922  1.00 33.68  ? 25   TBZ B C1    1 
HETATM 490 C  C2    . TBZ C 3 .  ? 5.027   5.607   -4.011  1.00 43.13  ? 25   TBZ B C2    1 
HETATM 491 N  N2    . TBZ C 3 .  ? 4.949   5.378   -5.480  1.00 52.37  ? 25   TBZ B N2    1 
HETATM 492 C  C3    . TBZ C 3 .  ? 5.618   6.471   -6.236  1.00 52.32  ? 25   TBZ B C3    1 
HETATM 493 C  C4    . TBZ C 3 .  ? 6.134   7.407   -5.144  1.00 35.41  ? 25   TBZ B C4    1 
HETATM 494 C  C5    . TBZ C 3 .  ? 4.400   4.209   -6.039  1.00 54.74  ? 25   TBZ B C5    1 
HETATM 495 C  C6    . TBZ C 3 .  ? 3.912   3.292   -5.190  1.00 52.86  ? 25   TBZ B C6    1 
HETATM 496 C  C7    . TBZ C 3 .  ? 3.387   2.199   -5.776  1.00 51.98  ? 25   TBZ B C7    1 
HETATM 497 C  C8    . TBZ C 3 .  ? 3.401   2.056   -7.099  1.00 56.66  ? 25   TBZ B C8    1 
HETATM 498 C  C9    . TBZ C 3 .  ? 3.838   3.003   -7.936  1.00 59.40  ? 25   TBZ B C9    1 
HETATM 499 C  C10   . TBZ C 3 .  ? 4.406   4.099   -7.376  1.00 57.08  ? 25   TBZ B C10   1 
HETATM 500 N  N3    . TBZ C 3 .  ? 2.805   1.104   -5.273  1.00 50.84  ? 25   TBZ B N3    1 
HETATM 501 C  C11   . TBZ C 3 .  ? 2.503   0.338   -6.325  1.00 57.58  ? 25   TBZ B C11   1 
HETATM 502 N  N4    . TBZ C 3 .  ? 2.876   0.886   -7.509  1.00 63.69  ? 25   TBZ B N4    1 
HETATM 503 C  C12   . TBZ C 3 .  ? 1.937   -0.887  -6.289  1.00 60.57  ? 25   TBZ B C12   1 
HETATM 504 C  C13   . TBZ C 3 .  ? 1.330   -1.321  -5.166  1.00 59.55  ? 25   TBZ B C13   1 
HETATM 505 C  C14   . TBZ C 3 .  ? 0.837   -2.564  -5.211  1.00 56.28  ? 25   TBZ B C14   1 
HETATM 506 C  C15   . TBZ C 3 .  ? 0.835   -3.324  -6.303  1.00 62.70  ? 25   TBZ B C15   1 
HETATM 507 C  C16   . TBZ C 3 .  ? 1.433   -2.887  -7.420  1.00 66.69  ? 25   TBZ B C16   1 
HETATM 508 C  C17   . TBZ C 3 .  ? 1.972   -1.651  -7.408  1.00 65.11  ? 25   TBZ B C17   1 
HETATM 509 N  N5    . TBZ C 3 .  ? 0.181   -3.224  -4.269  1.00 60.06  ? 25   TBZ B N5    1 
HETATM 510 C  C18   . TBZ C 3 .  ? -0.180  -4.396  -4.821  1.00 68.95  ? 25   TBZ B C18   1 
HETATM 511 N  N6    . TBZ C 3 .  ? 0.193   -4.500  -6.111  1.00 66.32  ? 25   TBZ B N6    1 
HETATM 512 C  C19   . TBZ C 3 .  ? -0.756  -5.372  -4.087  1.00 74.74  ? 25   TBZ B C19   1 
HETATM 513 C  C20   . TBZ C 3 .  ? -1.684  -5.017  -3.171  1.00 70.04  ? 25   TBZ B C20   1 
HETATM 514 C  C21   . TBZ C 3 .  ? -2.231  -6.022  -2.484  1.00 69.11  ? 25   TBZ B C21   1 
HETATM 515 C  C22   . TBZ C 3 .  ? -1.865  -7.296  -2.581  1.00 74.32  ? 25   TBZ B C22   1 
HETATM 516 C  C23   . TBZ C 3 .  ? -1.016  -7.653  -3.560  1.00 79.59  ? 25   TBZ B C23   1 
HETATM 517 C  C24   . TBZ C 3 .  ? -0.414  -6.667  -4.261  1.00 81.73  ? 25   TBZ B C24   1 
HETATM 518 N  N7    . TBZ C 3 .  ? -3.171  -5.943  -1.557  1.00 67.27  ? 25   TBZ B N7    1 
HETATM 519 C  C25   . TBZ C 3 .  ? -3.349  -7.193  -1.095  1.00 74.41  ? 25   TBZ B C25   1 
HETATM 520 N  N8    . TBZ C 3 .  ? -2.607  -8.089  -1.769  1.00 78.02  ? 25   TBZ B N8    1 
HETATM 521 C  C26   . TBZ C 3 .  ? -4.269  -7.436  -0.151  1.00 81.22  ? 25   TBZ B C26   1 
HETATM 522 C  C27   . TBZ C 3 .  ? -4.904  -6.334  0.447   1.00 80.37  ? 25   TBZ B C27   1 
HETATM 523 C  C28   . TBZ C 3 .  ? -5.866  -6.506  1.445   1.00 77.46  ? 25   TBZ B C28   1 
HETATM 524 C  C29   . TBZ C 3 .  ? -6.223  -7.783  1.894   1.00 83.67  ? 25   TBZ B C29   1 
HETATM 525 C  C30   . TBZ C 3 .  ? -5.604  -8.875  1.284   1.00 87.91  ? 25   TBZ B C30   1 
HETATM 526 C  C31   . TBZ C 3 .  ? -4.631  -8.713  0.281   1.00 85.84  ? 25   TBZ B C31   1 
HETATM 527 O  O1    . TBZ C 3 .  ? -7.231  -7.913  2.811   1.00 87.26  ? 25   TBZ B O1    1 
HETATM 528 C  C32   . TBZ C 3 .  ? -8.314  -7.007  2.692   1.00 74.06  ? 25   TBZ B C32   1 
HETATM 529 O  O     . HOH D 4 .  ? 14.332  0.932   0.290   1.00 38.13  ? 1001 HOH A O     1 
HETATM 530 O  O     . HOH D 4 .  ? -10.476 -15.145 3.955   1.00 63.54  ? 1002 HOH A O     1 
HETATM 531 O  O     . HOH D 4 .  ? -1.528  3.978   2.052   0.50 47.17  ? 1003 HOH A O     1 
HETATM 532 O  O     . HOH D 4 .  ? 21.679  -0.930  2.734   1.00 55.19  ? 1005 HOH A O     1 
HETATM 533 O  O     . HOH D 4 .  ? -10.726 2.251   -7.119  0.50 39.96  ? 1007 HOH A O     1 
HETATM 534 O  O     . HOH D 4 .  ? 13.267  -0.373  3.093   1.00 51.49  ? 1008 HOH A O     1 
HETATM 535 O  O     . HOH D 4 .  ? -9.323  0.078   -4.990  1.00 45.83  ? 1009 HOH A O     1 
HETATM 536 O  O     . HOH D 4 .  ? 12.251  4.808   13.731  1.00 56.97  ? 1012 HOH A O     1 
HETATM 537 O  O     . HOH D 4 .  ? 13.191  1.526   13.440  1.00 64.82  ? 1014 HOH A O     1 
HETATM 538 O  O     . HOH D 4 .  ? 0.576   14.276  -0.975  1.00 56.91  ? 1019 HOH A O     1 
HETATM 539 O  O     . HOH D 4 .  ? 8.279   1.764   9.069   1.00 52.89  ? 1023 HOH A O     1 
HETATM 540 O  O     . HOH D 4 .  ? 6.724   9.668   11.423  1.00 58.23  ? 1025 HOH A O     1 
HETATM 541 O  O     . HOH D 4 .  ? -13.809 -12.468 -3.107  1.00 56.00  ? 1027 HOH A O     1 
HETATM 542 O  O     . HOH D 4 .  ? 21.037  3.572   0.080   1.00 61.78  ? 1031 HOH A O     1 
HETATM 543 O  O     . HOH D 4 .  ? 6.635   11.997  10.994  1.00 60.27  ? 1033 HOH A O     1 
HETATM 544 O  O     . HOH D 4 .  ? 3.945   14.509  1.677   1.00 48.92  ? 1039 HOH A O     1 
HETATM 545 O  O     . HOH D 4 .  ? 10.661  -0.408  8.205   1.00 57.25  ? 1041 HOH A O     1 
HETATM 546 O  O     . HOH D 4 .  ? 3.058   11.379  11.903  1.00 63.11  ? 1042 HOH A O     1 
HETATM 547 O  O     . HOH D 4 .  ? -7.862  -12.861 3.567   1.00 61.99  ? 1043 HOH A O     1 
HETATM 548 O  O     . HOH D 4 .  ? 0.287   8.637   5.702   0.50 41.36  ? 1044 HOH A O     1 
HETATM 549 O  O     . HOH D 4 .  ? -15.418 -11.356 10.210  1.00 70.82  ? 1045 HOH A O     1 
HETATM 550 O  O     . HOH D 4 .  ? -7.449  -17.128 0.765   1.00 48.95  ? 1046 HOH A O     1 
HETATM 551 O  O     . HOH D 4 .  ? 5.044   17.194  1.958   1.00 60.60  ? 1047 HOH A O     1 
HETATM 552 O  O     . HOH D 4 .  ? 15.985  0.965   -1.486  1.00 49.26  ? 1049 HOH A O     1 
HETATM 553 O  O     . HOH D 4 .  ? 12.952  -2.247  0.706   1.00 71.54  ? 1051 HOH A O     1 
HETATM 554 O  O     . HOH D 4 .  ? -16.892 -11.546 7.355   1.00 67.00  ? 1055 HOH A O     1 
HETATM 555 O  O     . HOH D 4 .  ? -16.212 -13.319 3.181   1.00 62.62  ? 1060 HOH A O     1 
HETATM 556 O  O     . HOH D 4 .  ? 8.679   4.916   14.088  0.50 42.71  ? 1063 HOH A O     1 
HETATM 557 O  O     . HOH D 4 .  ? 2.920   14.719  -2.431  1.00 73.80  ? 1065 HOH A O     1 
HETATM 558 O  O     . HOH D 4 .  ? 11.012  3.349   15.815  1.00 70.95  ? 1066 HOH A O     1 
HETATM 559 O  O     . HOH D 4 .  ? 2.528   3.691   10.576  0.50 44.73  ? 1068 HOH A O     1 
HETATM 560 O  O     . HOH D 4 .  ? -7.198  -19.091 2.567   0.50 59.79  ? 1076 HOH A O     1 
HETATM 561 O  O     . HOH D 4 .  ? 23.632  0.770   2.098   1.00 58.27  ? 1082 HOH A O     1 
HETATM 562 O  O     . HOH D 4 .  ? -2.433  9.633   5.281   1.00 78.23  ? 1084 HOH A O     1 
HETATM 563 O  O     . HOH D 4 .  ? 7.184   6.797   12.998  0.50 50.16  ? 1086 HOH A O     1 
HETATM 564 O  O     . HOH D 4 .  ? 4.281   10.589  -3.075  0.50 55.24  ? 1088 HOH A O     1 
HETATM 565 O  O     . HOH D 4 .  ? -12.566 -14.662 2.876   0.50 36.05  ? 1091 HOH A O     1 
HETATM 566 O  O     . HOH D 4 .  ? 23.939  3.961   0.882   0.50 51.13  ? 1092 HOH A O     1 
HETATM 567 O  O     . HOH D 4 .  ? 15.147  -1.564  0.637   0.50 58.14  ? 1094 HOH A O     1 
HETATM 568 O  O     . HOH D 4 .  ? -8.329  -21.769 1.027   0.50 67.46  ? 1097 HOH A O     1 
HETATM 569 O  O     . HOH D 4 .  ? -4.388  -1.702  -14.285 0.50 56.39  ? 1101 HOH A O     1 
HETATM 570 O  O     . HOH D 4 .  ? 12.824  -2.027  6.440   0.50 49.34  ? 1112 HOH A O     1 
HETATM 571 O  O     . HOH E 4 .  ? -9.949  -0.282  16.799  1.00 53.82  ? 1004 HOH B O     1 
HETATM 572 O  O     . HOH E 4 .  ? 5.955   -6.868  0.537   1.00 58.41  ? 1006 HOH B O     1 
HETATM 573 O  O     . HOH E 4 .  ? -13.816 -3.346  -6.097  1.00 50.11  ? 1010 HOH B O     1 
HETATM 574 O  O     . HOH E 4 .  ? -13.865 3.071   8.086   1.00 71.41  ? 1011 HOH B O     1 
HETATM 575 O  O     . HOH E 4 .  ? 20.147  10.030  -8.726  1.00 55.30  ? 1013 HOH B O     1 
HETATM 576 O  O     . HOH E 4 .  ? 17.753  5.634   -4.939  1.00 70.65  ? 1015 HOH B O     1 
HETATM 577 O  O     . HOH E 4 .  ? -12.893 -4.984  -8.425  1.00 60.96  ? 1016 HOH B O     1 
HETATM 578 O  O     . HOH E 4 .  ? -17.882 -0.769  -8.875  1.00 53.00  ? 1017 HOH B O     1 
HETATM 579 O  O     . HOH E 4 .  ? 6.088   -2.264  1.530   1.00 69.13  ? 1018 HOH B O     1 
HETATM 580 O  O     . HOH E 4 .  ? 2.564   -6.696  4.945   1.00 46.37  ? 1020 HOH B O     1 
HETATM 581 O  O     . HOH E 4 .  ? 0.677   -12.247 -1.182  1.00 56.63  ? 1021 HOH B O     1 
HETATM 582 O  O     . HOH E 4 .  ? -8.713  0.632   12.084  1.00 89.60  ? 1022 HOH B O     1 
HETATM 583 O  O     . HOH E 4 .  ? -6.554  2.127   8.077   1.00 79.39  ? 1024 HOH B O     1 
HETATM 584 O  O     . HOH E 4 .  ? 16.018  -0.923  -5.641  1.00 57.44  ? 1026 HOH B O     1 
HETATM 585 O  O     . HOH E 4 .  ? -8.746  6.182   1.892   1.00 67.98  ? 1028 HOH B O     1 
HETATM 586 O  O     . HOH E 4 .  ? 3.835   -7.773  -7.723  1.00 54.57  ? 1029 HOH B O     1 
HETATM 587 O  O     . HOH E 4 .  ? 18.003  2.907   -3.650  1.00 64.79  ? 1030 HOH B O     1 
HETATM 588 O  O     . HOH E 4 .  ? 7.496   -4.058  -11.501 1.00 54.81  ? 1032 HOH B O     1 
HETATM 589 O  O     . HOH E 4 .  ? -9.975  3.179   8.698   0.50 37.03  ? 1034 HOH B O     1 
HETATM 590 O  O     . HOH E 4 .  ? 2.972   -13.174 1.652   1.00 44.36  ? 1035 HOH B O     1 
HETATM 591 O  O     . HOH E 4 .  ? -3.630  1.961   10.216  0.50 46.41  ? 1036 HOH B O     1 
HETATM 592 O  O     . HOH E 4 .  ? 1.437   1.173   4.064   1.00 75.24  ? 1037 HOH B O     1 
HETATM 593 O  O     . HOH E 4 .  ? 15.214  2.181   -5.370  1.00 62.49  ? 1038 HOH B O     1 
HETATM 594 O  O     . HOH E 4 .  ? 9.080   -5.687  -12.707 1.00 60.43  ? 1040 HOH B O     1 
HETATM 595 O  O     . HOH E 4 .  ? 9.606   -3.901  0.829   1.00 66.13  ? 1048 HOH B O     1 
HETATM 596 O  O     . HOH E 4 .  ? 5.555   0.296   -11.742 0.50 61.18  ? 1050 HOH B O     1 
HETATM 597 O  O     . HOH E 4 .  ? -12.273 3.969   1.387   0.50 49.70  ? 1052 HOH B O     1 
HETATM 598 O  O     . HOH E 4 .  ? 3.392   -5.472  2.898   1.00 51.50  ? 1053 HOH B O     1 
HETATM 599 O  O     . HOH E 4 .  ? 9.608   9.786   -7.654  1.00 76.92  ? 1054 HOH B O     1 
HETATM 600 O  O     . HOH E 4 .  ? 6.236   -8.750  -12.632 0.50 60.49  ? 1056 HOH B O     1 
HETATM 601 O  O     . HOH E 4 .  ? -15.556 -8.227  -5.850  1.00 72.01  ? 1057 HOH B O     1 
HETATM 602 O  O     . HOH E 4 .  ? 12.345  -1.122  -3.160  1.00 44.67  ? 1058 HOH B O     1 
HETATM 603 O  O     . HOH E 4 .  ? -18.683 9.264   2.552   1.00 66.70  ? 1059 HOH B O     1 
HETATM 604 O  O     . HOH E 4 .  ? 20.437  6.393   -5.505  1.00 73.94  ? 1061 HOH B O     1 
HETATM 605 O  O     . HOH E 4 .  ? 17.559  7.315   -2.208  1.00 75.19  ? 1062 HOH B O     1 
HETATM 606 O  O     . HOH E 4 .  ? -19.306 4.436   3.114   1.00 53.38  ? 1064 HOH B O     1 
HETATM 607 O  O     . HOH E 4 .  ? 17.304  10.485  -6.714  0.50 55.64  ? 1067 HOH B O     1 
HETATM 608 O  O     . HOH E 4 .  ? 23.673  10.976  -9.090  1.00 59.01  ? 1069 HOH B O     1 
HETATM 609 O  O     . HOH E 4 .  ? 7.955   -6.158  1.413   0.50 41.09  ? 1070 HOH B O     1 
HETATM 610 O  O     . HOH E 4 .  ? -7.732  -4.539  11.234  1.00 56.92  ? 1071 HOH B O     1 
HETATM 611 O  O     . HOH E 4 .  ? -9.873  3.292   0.396   1.00 61.26  ? 1072 HOH B O     1 
HETATM 612 O  O     . HOH E 4 .  ? -9.501  7.009   9.482   0.50 52.30  ? 1073 HOH B O     1 
HETATM 613 O  O     . HOH E 4 .  ? 19.799  1.482   -5.021  1.00 62.48  ? 1074 HOH B O     1 
HETATM 614 O  O     . HOH E 4 .  ? 0.545   -5.979  6.663   0.50 59.59  ? 1075 HOH B O     1 
HETATM 615 O  O     . HOH E 4 .  ? -6.802  -11.445 7.552   1.00 63.52  ? 1077 HOH B O     1 
HETATM 616 O  O     . HOH E 4 .  ? 5.678   -11.776 0.734   0.50 61.86  ? 1078 HOH B O     1 
HETATM 617 O  O     . HOH E 4 .  ? 4.516   -8.624  5.867   0.50 55.11  ? 1079 HOH B O     1 
HETATM 618 O  O     . HOH E 4 .  ? -18.187 6.985   2.478   1.00 81.83  ? 1080 HOH B O     1 
HETATM 619 O  O     . HOH E 4 .  ? -1.153  -1.431  8.141   1.00 80.62  ? 1081 HOH B O     1 
HETATM 620 O  O     . HOH E 4 .  ? 5.446   -12.839 4.923   1.00 68.26  ? 1083 HOH B O     1 
HETATM 621 O  O     . HOH E 4 .  ? -8.593  -12.094 6.268   0.50 41.81  ? 1085 HOH B O     1 
HETATM 622 O  O     . HOH E 4 .  ? 11.056  -5.880  -10.308 1.00 65.63  ? 1087 HOH B O     1 
HETATM 623 O  O     . HOH E 4 .  ? -4.157  -10.718 5.590   0.50 58.39  ? 1089 HOH B O     1 
HETATM 624 O  O     . HOH E 4 .  ? 8.515   -1.827  -13.135 0.50 59.25  ? 1090 HOH B O     1 
HETATM 625 O  O     . HOH E 4 .  ? -9.630  2.746   -2.111  0.50 40.61  ? 1093 HOH B O     1 
HETATM 626 O  O     . HOH E 4 .  ? 3.525   -10.755 2.572   0.50 43.68  ? 1095 HOH B O     1 
HETATM 627 O  O     . HOH E 4 .  ? 5.871   -0.082  4.173   0.50 58.43  ? 1096 HOH B O     1 
HETATM 628 O  O     . HOH E 4 .  ? 26.074  8.098   -7.341  0.50 61.44  ? 1098 HOH B O     1 
HETATM 629 O  O     . HOH E 4 .  ? -6.472  7.941   3.837   0.50 50.35  ? 1099 HOH B O     1 
HETATM 630 O  O     . HOH E 4 .  ? -10.919 8.445   1.435   0.50 37.06  ? 1100 HOH B O     1 
HETATM 631 O  O     . HOH E 4 .  ? 14.041  16.508  -1.007  0.50 82.66  ? 1102 HOH B O     1 
HETATM 632 O  O     . HOH E 4 .  ? -10.668 7.410   3.277   0.50 36.99  ? 1103 HOH B O     1 
HETATM 633 O  O     . HOH E 4 .  ? -21.358 2.144   -3.899  0.50 50.86  ? 1104 HOH B O     1 
HETATM 634 O  O     . HOH E 4 .  ? -7.269  8.009   10.419  0.50 56.92  ? 1105 HOH B O     1 
HETATM 635 O  O     . HOH E 4 .  ? -9.513  4.353   12.336  0.50 61.22  ? 1106 HOH B O     1 
HETATM 636 O  O     . HOH E 4 .  ? -6.153  2.778   1.690   0.50 38.28  ? 1107 HOH B O     1 
HETATM 637 O  O     . HOH E 4 .  ? 4.813   -13.151 -0.036  0.50 59.78  ? 1108 HOH B O     1 
HETATM 638 O  O     . HOH E 4 .  ? 11.475  -5.411  4.162   0.50 51.06  ? 1109 HOH B O     1 
HETATM 639 O  O     . HOH E 4 .  ? 3.863   -14.409 4.366   0.50 52.64  ? 1110 HOH B O     1 
HETATM 640 O  O     . HOH E 4 .  ? 21.131  -1.828  -3.896  0.50 64.34  ? 1111 HOH B O     1 
# 
